data_4MZR
#
_entry.id   4MZR
#
_cell.length_a   163.298
_cell.length_b   169.764
_cell.length_c   55.664
_cell.angle_alpha   90.00
_cell.angle_beta   90.00
_cell.angle_gamma   90.00
#
_symmetry.space_group_name_H-M   'P 21 21 2'
#
loop_
_entity.id
_entity.type
_entity.pdbx_description
1 polymer 'Cellular tumor antigen p53'
2 polymer 'consensus DNA sense strand'
3 polymer 'consensus DNA anti-sense strand'
4 non-polymer 'ZINC ION'
5 water water
#
loop_
_entity_poly.entity_id
_entity_poly.type
_entity_poly.pdbx_seq_one_letter_code
_entity_poly.pdbx_strand_id
1 'polypeptide(L)'
;MSSSVPSQKTYQGSYGFRLGFLHSGTAKFGTCTYSPALNKMFVQLAKTVPVQLYVDSTPPPGTRVRAMAIYKQSQHMTEV
VRRCPHHERSSDSDGLAPPQHLIRVEGNLRAEYLDDPNTFRHSVVVPYEPPEVGSDYTTIYFKFMCNSSCMGGMNRRPIL
VIITLEDSSGNLLGRDSFEVRVCACPGRDRRTEEENLRKKTMDGEYFTLQIRGRERFEQFRERNEALELKDAQATEE
;
A,B,C,D
2 'polydeoxyribonucleotide'
;(DT)(DG)(DA)(DG)(DA)(DC)(DT)(DT)(DG)(DC)(DC)(DC)(DA)(DG)(DA)(DC)(DT)(DT)(DG)(DC)
(DC)(DC)(DG)(DT)(DT)(DT)
;
K
3 'polydeoxyribonucleotide'
;(DA)(DC)(DG)(DG)(DG)(DC)(DA)(DA)(DG)(DT)(DC)(DT)(DG)(DG)(DG)(DC)(DA)(DA)(DG)(DT)
(DC)(DT)(DC)(DA)(DA)(DA)
;
L
#
loop_
_chem_comp.id
_chem_comp.type
_chem_comp.name
_chem_comp.formula
DA DNA linking 2'-DEOXYADENOSINE-5'-MONOPHOSPHATE 'C10 H14 N5 O6 P'
DC DNA linking 2'-DEOXYCYTIDINE-5'-MONOPHOSPHATE 'C9 H14 N3 O7 P'
DG DNA linking 2'-DEOXYGUANOSINE-5'-MONOPHOSPHATE 'C10 H14 N5 O7 P'
DT DNA linking THYMIDINE-5'-MONOPHOSPHATE 'C10 H15 N2 O8 P'
ZN non-polymer 'ZINC ION' 'Zn 2'
#
# COMPACT_ATOMS: atom_id res chain seq x y z
N SER A 2 -12.37 7.10 13.50
CA SER A 2 -11.96 6.77 14.89
C SER A 2 -13.07 7.06 15.90
N SER A 3 -13.48 6.02 16.63
CA SER A 3 -14.53 6.13 17.65
C SER A 3 -14.35 5.00 18.68
N SER A 4 -14.70 5.27 19.94
CA SER A 4 -14.57 4.26 20.99
C SER A 4 -15.30 3.00 20.56
N VAL A 5 -14.72 1.85 20.88
CA VAL A 5 -15.31 0.57 20.51
C VAL A 5 -16.33 0.07 21.53
N PRO A 6 -17.55 -0.26 21.07
CA PRO A 6 -18.62 -0.77 21.96
C PRO A 6 -18.34 -2.22 22.33
N SER A 7 -18.63 -2.59 23.56
CA SER A 7 -18.37 -3.95 24.03
C SER A 7 -19.10 -4.99 23.20
N GLN A 8 -18.49 -6.15 23.06
CA GLN A 8 -19.08 -7.24 22.31
C GLN A 8 -19.10 -8.51 23.15
N LYS A 9 -18.88 -8.38 24.46
CA LYS A 9 -18.88 -9.55 25.32
C LYS A 9 -20.29 -10.05 25.64
N THR A 10 -20.52 -11.34 25.43
CA THR A 10 -21.82 -11.93 25.70
C THR A 10 -22.19 -11.71 27.15
N TYR A 11 -23.46 -11.36 27.40
CA TYR A 11 -23.95 -11.10 28.75
C TYR A 11 -25.44 -11.38 28.80
N GLN A 12 -25.80 -12.56 29.31
CA GLN A 12 -27.20 -12.95 29.40
C GLN A 12 -28.03 -12.08 30.33
N GLY A 13 -27.37 -11.47 31.31
CA GLY A 13 -28.08 -10.60 32.24
C GLY A 13 -29.15 -11.28 33.07
N SER A 14 -29.90 -10.47 33.81
CA SER A 14 -30.96 -10.96 34.69
C SER A 14 -32.09 -11.69 34.00
N TYR A 15 -32.15 -11.59 32.67
CA TYR A 15 -33.23 -12.23 31.92
C TYR A 15 -32.82 -13.40 31.03
N GLY A 16 -31.56 -13.80 31.11
CA GLY A 16 -31.10 -14.92 30.30
C GLY A 16 -31.28 -14.60 28.82
N PHE A 17 -30.90 -13.40 28.43
CA PHE A 17 -31.02 -12.96 27.05
C PHE A 17 -30.01 -13.67 26.15
N ARG A 18 -30.49 -14.18 25.01
CA ARG A 18 -29.63 -14.85 24.03
C ARG A 18 -30.35 -15.01 22.70
N LEU A 19 -29.58 -15.24 21.63
CA LEU A 19 -30.16 -15.35 20.30
C LEU A 19 -30.19 -16.76 19.74
N GLY A 20 -31.06 -16.97 18.76
CA GLY A 20 -31.20 -18.24 18.09
C GLY A 20 -31.40 -17.98 16.61
N PHE A 21 -31.03 -18.94 15.76
CA PHE A 21 -31.18 -18.75 14.32
C PHE A 21 -31.77 -19.99 13.68
N LEU A 22 -32.98 -20.35 14.11
CA LEU A 22 -33.66 -21.52 13.58
C LEU A 22 -34.95 -21.08 12.88
N HIS A 23 -34.87 -20.86 11.58
CA HIS A 23 -36.07 -20.46 10.85
C HIS A 23 -36.25 -21.20 9.52
N SER A 24 -37.51 -21.47 9.18
CA SER A 24 -37.87 -22.18 7.95
C SER A 24 -36.95 -21.87 6.77
N GLY A 25 -36.47 -22.92 6.12
CA GLY A 25 -35.58 -22.75 4.97
C GLY A 25 -36.29 -22.28 3.71
N THR A 26 -37.56 -21.92 3.83
CA THR A 26 -38.33 -21.45 2.69
C THR A 26 -38.98 -20.10 2.98
N ALA A 27 -38.99 -19.22 1.97
CA ALA A 27 -39.57 -17.89 2.10
C ALA A 27 -38.90 -17.04 3.17
N LYS A 28 -37.93 -17.64 3.87
CA LYS A 28 -37.21 -16.94 4.93
C LYS A 28 -35.71 -17.23 4.83
N PHE A 29 -35.37 -18.45 4.43
CA PHE A 29 -33.98 -18.86 4.30
C PHE A 29 -33.60 -19.19 2.85
N GLY A 30 -34.48 -18.85 1.91
CA GLY A 30 -34.21 -19.11 0.50
C GLY A 30 -32.93 -18.40 0.05
N THR A 31 -32.53 -17.39 0.82
CA THR A 31 -31.34 -16.62 0.50
C THR A 31 -30.22 -16.88 1.51
N CYS A 32 -30.49 -16.55 2.77
CA CYS A 32 -29.50 -16.70 3.84
C CYS A 32 -29.43 -18.06 4.49
N THR A 33 -28.26 -18.35 5.07
CA THR A 33 -27.97 -19.61 5.74
C THR A 33 -27.07 -19.33 6.97
N TYR A 34 -27.29 -20.07 8.05
CA TYR A 34 -26.51 -19.87 9.27
C TYR A 34 -25.56 -21.03 9.58
N SER A 35 -24.37 -20.69 10.04
CA SER A 35 -23.36 -21.68 10.38
C SER A 35 -23.14 -21.76 11.90
N PRO A 36 -23.62 -22.84 12.53
CA PRO A 36 -23.45 -23.00 13.98
C PRO A 36 -21.99 -23.08 14.36
N ALA A 37 -21.22 -23.78 13.53
CA ALA A 37 -19.79 -23.97 13.76
C ALA A 37 -19.00 -22.67 13.74
N LEU A 38 -19.47 -21.70 12.96
CA LEU A 38 -18.80 -20.42 12.85
C LEU A 38 -19.56 -19.29 13.54
N ASN A 39 -20.82 -19.55 13.88
CA ASN A 39 -21.68 -18.53 14.49
C ASN A 39 -21.64 -17.34 13.52
N LYS A 40 -21.84 -17.64 12.25
CA LYS A 40 -21.80 -16.63 11.20
C LYS A 40 -22.97 -16.80 10.26
N MET A 41 -23.65 -15.69 9.96
CA MET A 41 -24.78 -15.69 9.06
C MET A 41 -24.32 -15.32 7.64
N PHE A 42 -24.83 -16.03 6.65
CA PHE A 42 -24.48 -15.75 5.26
C PHE A 42 -25.74 -15.30 4.53
N VAL A 43 -25.82 -14.03 4.18
CA VAL A 43 -27.00 -13.50 3.52
C VAL A 43 -26.69 -12.59 2.33
N GLN A 44 -27.64 -12.49 1.40
CA GLN A 44 -27.49 -11.61 0.23
C GLN A 44 -27.92 -10.19 0.56
N LEU A 45 -27.45 -9.25 -0.24
CA LEU A 45 -27.74 -7.85 -0.06
C LEU A 45 -29.23 -7.54 -0.08
N ALA A 46 -29.71 -6.86 0.97
CA ALA A 46 -31.10 -6.46 1.11
C ALA A 46 -32.10 -7.60 1.40
N LYS A 47 -31.60 -8.82 1.53
CA LYS A 47 -32.49 -9.93 1.83
C LYS A 47 -32.74 -10.05 3.34
N THR A 48 -33.98 -10.34 3.70
CA THR A 48 -34.37 -10.48 5.10
C THR A 48 -33.61 -11.56 5.86
N VAL A 49 -33.25 -11.24 7.10
CA VAL A 49 -32.53 -12.17 7.97
C VAL A 49 -33.27 -12.27 9.31
N PRO A 50 -33.95 -13.39 9.55
CA PRO A 50 -34.70 -13.58 10.80
C PRO A 50 -33.82 -14.01 11.98
N VAL A 51 -33.92 -13.30 13.09
CA VAL A 51 -33.15 -13.61 14.29
C VAL A 51 -34.11 -13.77 15.45
N GLN A 52 -33.93 -14.83 16.24
CA GLN A 52 -34.82 -15.09 17.36
C GLN A 52 -34.28 -14.64 18.70
N LEU A 53 -35.09 -13.89 19.41
CA LEU A 53 -34.75 -13.37 20.73
C LEU A 53 -35.29 -14.29 21.81
N TYR A 54 -34.41 -14.78 22.67
CA TYR A 54 -34.83 -15.67 23.75
C TYR A 54 -34.60 -14.97 25.06
N VAL A 55 -35.50 -15.18 26.01
CA VAL A 55 -35.38 -14.57 27.32
C VAL A 55 -36.14 -15.44 28.34
N ASP A 56 -35.53 -15.66 29.50
CA ASP A 56 -36.15 -16.48 30.56
C ASP A 56 -37.41 -15.88 31.16
N SER A 57 -37.34 -14.62 31.61
CA SER A 57 -38.49 -13.93 32.19
C SER A 57 -38.79 -12.65 31.41
N THR A 58 -40.01 -12.14 31.51
CA THR A 58 -40.38 -10.94 30.75
C THR A 58 -39.75 -9.67 31.29
N PRO A 59 -39.13 -8.87 30.40
CA PRO A 59 -38.47 -7.59 30.71
C PRO A 59 -39.45 -6.51 31.11
N PRO A 60 -38.99 -5.52 31.89
CA PRO A 60 -39.83 -4.42 32.35
C PRO A 60 -40.33 -3.55 31.20
N PRO A 61 -41.40 -2.78 31.42
CA PRO A 61 -42.00 -1.91 30.40
C PRO A 61 -41.00 -0.90 29.86
N GLY A 62 -40.93 -0.78 28.54
CA GLY A 62 -40.02 0.17 27.93
C GLY A 62 -38.69 -0.37 27.46
N THR A 63 -38.52 -1.68 27.59
CA THR A 63 -37.27 -2.30 27.16
C THR A 63 -37.20 -2.25 25.64
N ARG A 64 -35.99 -2.08 25.12
CA ARG A 64 -35.81 -2.05 23.67
C ARG A 64 -34.74 -3.04 23.21
N VAL A 65 -34.65 -3.23 21.90
CA VAL A 65 -33.66 -4.13 21.32
C VAL A 65 -32.89 -3.33 20.28
N ARG A 66 -31.58 -3.19 20.49
CA ARG A 66 -30.74 -2.42 19.58
C ARG A 66 -29.81 -3.31 18.80
N ALA A 67 -29.58 -2.97 17.54
CA ALA A 67 -28.69 -3.74 16.68
C ALA A 67 -27.60 -2.80 16.21
N MET A 68 -26.34 -3.22 16.32
CA MET A 68 -25.21 -2.41 15.89
C MET A 68 -24.14 -3.26 15.23
N ALA A 69 -23.37 -2.65 14.33
CA ALA A 69 -22.31 -3.39 13.64
C ALA A 69 -20.93 -2.80 13.87
N ILE A 70 -19.94 -3.67 14.09
CA ILE A 70 -18.57 -3.23 14.30
C ILE A 70 -17.67 -4.18 13.53
N TYR A 71 -16.44 -3.73 13.23
CA TYR A 71 -15.52 -4.59 12.49
C TYR A 71 -14.90 -5.64 13.42
N LYS A 72 -14.84 -6.87 12.93
CA LYS A 72 -14.32 -7.99 13.68
C LYS A 72 -12.83 -7.90 13.98
N GLN A 73 -12.03 -7.58 12.96
CA GLN A 73 -10.59 -7.47 13.13
C GLN A 73 -10.22 -6.27 13.99
N SER A 74 -9.25 -6.45 14.89
CA SER A 74 -8.84 -5.37 15.78
C SER A 74 -8.33 -4.09 15.10
N GLN A 75 -7.64 -4.22 13.97
CA GLN A 75 -7.12 -3.04 13.30
C GLN A 75 -8.20 -2.14 12.72
N HIS A 76 -9.45 -2.62 12.73
CA HIS A 76 -10.56 -1.84 12.22
C HIS A 76 -11.64 -1.54 13.26
N MET A 77 -11.53 -2.13 14.44
CA MET A 77 -12.53 -1.94 15.49
C MET A 77 -12.92 -0.50 15.80
N THR A 78 -12.03 0.45 15.54
CA THR A 78 -12.33 1.83 15.84
C THR A 78 -12.98 2.60 14.70
N GLU A 79 -13.18 1.93 13.57
CA GLU A 79 -13.80 2.59 12.43
C GLU A 79 -15.29 2.28 12.35
N VAL A 80 -16.11 3.32 12.29
CA VAL A 80 -17.56 3.14 12.20
C VAL A 80 -17.94 2.34 10.95
N VAL A 81 -18.95 1.48 11.08
CA VAL A 81 -19.39 0.69 9.95
C VAL A 81 -20.53 1.42 9.23
N ARG A 82 -20.30 1.83 7.99
CA ARG A 82 -21.31 2.52 7.22
C ARG A 82 -21.42 2.02 5.80
N ARG A 83 -22.34 2.58 5.02
CA ARG A 83 -22.51 2.17 3.63
C ARG A 83 -21.51 2.85 2.72
N CYS A 84 -21.21 2.22 1.59
CA CYS A 84 -20.29 2.77 0.61
C CYS A 84 -20.94 3.96 -0.10
N PRO A 85 -20.12 4.87 -0.66
CA PRO A 85 -20.63 6.05 -1.36
C PRO A 85 -21.70 5.69 -2.40
N HIS A 86 -21.42 4.65 -3.17
CA HIS A 86 -22.35 4.21 -4.22
C HIS A 86 -23.76 3.88 -3.70
N HIS A 87 -23.87 2.84 -2.88
CA HIS A 87 -25.15 2.42 -2.34
C HIS A 87 -25.82 3.45 -1.44
N GLU A 88 -25.02 4.33 -0.84
CA GLU A 88 -25.55 5.36 0.04
C GLU A 88 -26.53 6.25 -0.69
N ARG A 89 -26.19 6.60 -1.93
CA ARG A 89 -27.06 7.43 -2.76
C ARG A 89 -27.99 6.54 -3.57
N SER A 90 -29.18 6.30 -3.05
CA SER A 90 -30.16 5.46 -3.73
C SER A 90 -31.54 5.57 -3.06
N SER A 91 -32.59 5.36 -3.84
CA SER A 91 -33.95 5.45 -3.35
C SER A 91 -34.32 4.23 -2.50
N ASP A 92 -33.37 3.31 -2.36
CA ASP A 92 -33.57 2.09 -1.58
C ASP A 92 -34.08 2.40 -0.17
N SER A 93 -33.93 3.65 0.24
CA SER A 93 -34.36 4.08 1.57
C SER A 93 -35.88 4.28 1.63
N ASP A 94 -36.53 3.51 2.49
CA ASP A 94 -37.99 3.58 2.66
C ASP A 94 -38.39 4.83 3.40
N GLY A 95 -37.49 5.81 3.46
CA GLY A 95 -37.77 7.05 4.14
C GLY A 95 -37.44 6.97 5.62
N LEU A 96 -37.88 5.89 6.27
CA LEU A 96 -37.64 5.70 7.69
C LEU A 96 -36.16 5.55 8.00
N ALA A 97 -35.49 4.65 7.28
CA ALA A 97 -34.08 4.39 7.49
C ALA A 97 -33.14 5.32 6.70
N PRO A 98 -32.25 6.03 7.40
CA PRO A 98 -31.30 6.95 6.76
C PRO A 98 -30.45 6.20 5.74
N PRO A 99 -30.18 6.83 4.60
CA PRO A 99 -29.37 6.18 3.56
C PRO A 99 -27.96 5.72 3.93
N GLN A 100 -27.42 6.20 5.05
CA GLN A 100 -26.08 5.80 5.43
C GLN A 100 -26.00 4.58 6.36
N HIS A 101 -27.14 4.17 6.92
CA HIS A 101 -27.20 3.02 7.82
C HIS A 101 -27.06 1.71 7.06
N LEU A 102 -26.27 0.78 7.59
CA LEU A 102 -26.09 -0.52 6.97
C LEU A 102 -27.18 -1.49 7.42
N ILE A 103 -27.48 -1.45 8.72
CA ILE A 103 -28.50 -2.32 9.29
C ILE A 103 -29.87 -1.69 9.24
N ARG A 104 -30.86 -2.48 8.83
CA ARG A 104 -32.24 -2.00 8.77
C ARG A 104 -33.14 -3.04 9.41
N VAL A 105 -34.19 -2.57 10.08
CA VAL A 105 -35.15 -3.49 10.67
C VAL A 105 -36.33 -3.53 9.68
N GLU A 106 -36.81 -4.73 9.36
CA GLU A 106 -37.92 -4.83 8.42
C GLU A 106 -39.19 -5.34 9.08
N GLY A 107 -40.33 -4.85 8.60
CA GLY A 107 -41.60 -5.29 9.14
C GLY A 107 -41.96 -4.64 10.46
N ASN A 108 -41.30 -3.53 10.78
CA ASN A 108 -41.58 -2.83 12.02
C ASN A 108 -41.47 -1.32 11.85
N LEU A 109 -42.61 -0.64 11.79
CA LEU A 109 -42.62 0.81 11.64
C LEU A 109 -42.33 1.54 12.93
N ARG A 110 -42.06 0.78 13.99
CA ARG A 110 -41.76 1.38 15.29
C ARG A 110 -40.25 1.51 15.50
N ALA A 111 -39.49 1.05 14.49
CA ALA A 111 -38.04 1.11 14.54
C ALA A 111 -37.57 2.55 14.62
N GLU A 112 -36.37 2.76 15.14
CA GLU A 112 -35.83 4.10 15.29
C GLU A 112 -34.33 4.07 15.02
N TYR A 113 -33.86 4.87 14.08
CA TYR A 113 -32.44 4.88 13.73
C TYR A 113 -31.66 6.00 14.41
N LEU A 114 -30.61 5.62 15.14
CA LEU A 114 -29.79 6.61 15.84
C LEU A 114 -28.42 6.77 15.21
N ASP A 115 -27.93 8.01 15.18
CA ASP A 115 -26.61 8.32 14.63
C ASP A 115 -25.84 9.03 15.74
N ASP A 116 -25.44 8.26 16.75
CA ASP A 116 -24.73 8.74 17.92
C ASP A 116 -23.94 10.03 17.71
N PRO A 117 -24.21 11.06 18.54
CA PRO A 117 -23.57 12.38 18.50
C PRO A 117 -22.15 12.41 19.08
N ASN A 118 -21.74 11.33 19.73
CA ASN A 118 -20.41 11.27 20.32
C ASN A 118 -19.53 10.21 19.66
N THR A 119 -20.06 9.00 19.52
CA THR A 119 -19.31 7.90 18.93
C THR A 119 -19.51 7.83 17.44
N PHE A 120 -20.48 8.58 16.93
CA PHE A 120 -20.77 8.61 15.50
C PHE A 120 -21.14 7.22 14.97
N ARG A 121 -21.49 6.33 15.89
CA ARG A 121 -21.87 4.95 15.55
C ARG A 121 -23.33 4.86 15.12
N HIS A 122 -23.61 4.03 14.12
CA HIS A 122 -24.97 3.82 13.63
C HIS A 122 -25.64 2.63 14.33
N SER A 123 -26.94 2.75 14.58
CA SER A 123 -27.68 1.66 15.22
C SER A 123 -29.17 1.85 15.00
N VAL A 124 -29.92 0.78 15.14
CA VAL A 124 -31.36 0.84 14.97
C VAL A 124 -32.02 0.20 16.21
N VAL A 125 -33.07 0.83 16.72
CA VAL A 125 -33.73 0.32 17.91
C VAL A 125 -35.23 0.10 17.76
N VAL A 126 -35.75 -0.91 18.45
CA VAL A 126 -37.17 -1.25 18.43
C VAL A 126 -37.65 -1.68 19.81
N PRO A 127 -38.87 -1.31 20.20
CA PRO A 127 -39.40 -1.68 21.51
C PRO A 127 -39.47 -3.20 21.65
N TYR A 128 -39.07 -3.72 22.81
CA TYR A 128 -39.11 -5.15 23.03
C TYR A 128 -40.55 -5.66 23.04
N GLU A 129 -40.82 -6.72 22.29
CA GLU A 129 -42.15 -7.29 22.26
C GLU A 129 -42.10 -8.75 22.67
N PRO A 130 -43.10 -9.21 23.45
CA PRO A 130 -43.20 -10.60 23.94
C PRO A 130 -43.34 -11.62 22.82
N PRO A 131 -43.07 -12.89 23.12
CA PRO A 131 -43.18 -13.96 22.12
C PRO A 131 -44.63 -14.18 21.73
N GLU A 132 -44.86 -14.75 20.55
CA GLU A 132 -46.22 -15.04 20.12
C GLU A 132 -46.71 -16.25 20.91
N VAL A 133 -47.95 -16.22 21.36
CA VAL A 133 -48.50 -17.33 22.13
C VAL A 133 -48.18 -18.66 21.44
N GLY A 134 -47.58 -19.57 22.19
CA GLY A 134 -47.24 -20.87 21.64
C GLY A 134 -45.76 -21.04 21.41
N SER A 135 -45.07 -19.91 21.26
CA SER A 135 -43.64 -19.91 21.04
C SER A 135 -42.92 -19.32 22.24
N ASP A 136 -41.63 -19.60 22.37
CA ASP A 136 -40.84 -19.09 23.49
C ASP A 136 -39.74 -18.12 23.03
N TYR A 137 -39.92 -17.58 21.83
CA TYR A 137 -38.97 -16.63 21.27
C TYR A 137 -39.66 -15.52 20.47
N THR A 138 -39.01 -14.37 20.40
CA THR A 138 -39.51 -13.23 19.65
C THR A 138 -38.69 -13.13 18.38
N THR A 139 -39.34 -12.84 17.26
CA THR A 139 -38.60 -12.74 16.01
C THR A 139 -38.40 -11.30 15.59
N ILE A 140 -37.24 -11.02 15.03
CA ILE A 140 -36.92 -9.68 14.55
C ILE A 140 -36.30 -9.86 13.16
N TYR A 141 -36.76 -9.06 12.19
CA TYR A 141 -36.25 -9.17 10.82
C TYR A 141 -35.29 -8.03 10.45
N PHE A 142 -34.09 -8.40 10.03
CA PHE A 142 -33.07 -7.43 9.65
C PHE A 142 -32.79 -7.46 8.15
N LYS A 143 -32.15 -6.39 7.68
CA LYS A 143 -31.75 -6.25 6.28
C LYS A 143 -30.41 -5.54 6.24
N PHE A 144 -29.47 -6.09 5.47
CA PHE A 144 -28.15 -5.50 5.34
C PHE A 144 -28.00 -4.88 3.95
N MET A 145 -27.84 -3.57 3.92
CA MET A 145 -27.75 -2.80 2.69
C MET A 145 -26.40 -2.65 2.01
N CYS A 146 -25.49 -3.60 2.21
CA CYS A 146 -24.17 -3.52 1.57
C CYS A 146 -23.45 -4.84 1.59
N ASN A 147 -22.75 -5.15 0.52
CA ASN A 147 -21.98 -6.38 0.47
C ASN A 147 -20.75 -6.20 1.36
N SER A 148 -20.27 -7.29 1.94
CA SER A 148 -19.10 -7.19 2.80
C SER A 148 -17.92 -6.66 1.98
N SER A 149 -17.98 -6.88 0.67
CA SER A 149 -16.89 -6.47 -0.21
C SER A 149 -16.95 -5.03 -0.69
N CYS A 150 -18.12 -4.42 -0.66
CA CYS A 150 -18.25 -3.04 -1.14
C CYS A 150 -17.05 -2.14 -0.85
N MET A 151 -16.45 -1.62 -1.91
CA MET A 151 -15.33 -0.71 -1.73
C MET A 151 -15.90 0.62 -1.29
N GLY A 152 -15.19 1.30 -0.40
CA GLY A 152 -15.68 2.57 0.11
C GLY A 152 -16.51 2.30 1.35
N GLY A 153 -17.01 1.06 1.43
CA GLY A 153 -17.83 0.65 2.56
C GLY A 153 -17.08 -0.29 3.48
N MET A 154 -17.66 -1.45 3.75
CA MET A 154 -16.99 -2.42 4.62
C MET A 154 -15.67 -2.86 4.00
N ASN A 155 -15.60 -2.81 2.68
CA ASN A 155 -14.39 -3.14 1.93
C ASN A 155 -13.75 -4.50 2.23
N ARG A 156 -14.52 -5.57 2.08
CA ARG A 156 -14.05 -6.93 2.33
C ARG A 156 -13.67 -7.21 3.78
N ARG A 157 -14.06 -6.33 4.70
CA ARG A 157 -13.75 -6.51 6.11
C ARG A 157 -14.88 -7.18 6.85
N PRO A 158 -14.59 -8.26 7.59
CA PRO A 158 -15.60 -8.99 8.35
C PRO A 158 -16.24 -8.14 9.43
N ILE A 159 -17.55 -8.25 9.62
CA ILE A 159 -18.22 -7.46 10.65
C ILE A 159 -18.91 -8.37 11.66
N LEU A 160 -19.29 -7.77 12.79
CA LEU A 160 -19.95 -8.47 13.87
C LEU A 160 -21.16 -7.66 14.33
N VAL A 161 -22.33 -8.30 14.40
CA VAL A 161 -23.53 -7.60 14.83
C VAL A 161 -23.78 -7.80 16.33
N ILE A 162 -23.89 -6.69 17.05
CA ILE A 162 -24.13 -6.74 18.49
C ILE A 162 -25.61 -6.47 18.80
N ILE A 163 -26.32 -7.44 19.35
CA ILE A 163 -27.71 -7.22 19.71
C ILE A 163 -27.74 -6.97 21.22
N THR A 164 -28.26 -5.81 21.63
CA THR A 164 -28.32 -5.49 23.06
C THR A 164 -29.76 -5.27 23.53
N LEU A 165 -30.01 -5.68 24.76
CA LEU A 165 -31.32 -5.52 25.37
C LEU A 165 -31.14 -4.39 26.38
N GLU A 166 -31.85 -3.28 26.18
CA GLU A 166 -31.70 -2.14 27.10
C GLU A 166 -33.03 -1.62 27.65
N ASP A 167 -32.97 -1.00 28.83
CA ASP A 167 -34.17 -0.43 29.43
C ASP A 167 -34.50 0.89 28.74
N SER A 168 -35.59 1.53 29.15
CA SER A 168 -36.03 2.78 28.55
C SER A 168 -34.94 3.84 28.52
N SER A 169 -34.02 3.78 29.48
CA SER A 169 -32.93 4.75 29.58
C SER A 169 -31.68 4.40 28.77
N GLY A 170 -31.62 3.17 28.28
CA GLY A 170 -30.47 2.77 27.50
C GLY A 170 -29.49 1.89 28.25
N ASN A 171 -29.72 1.70 29.55
CA ASN A 171 -28.85 0.87 30.36
C ASN A 171 -28.87 -0.56 29.86
N LEU A 172 -27.71 -1.20 29.89
CA LEU A 172 -27.57 -2.57 29.40
C LEU A 172 -28.26 -3.59 30.30
N LEU A 173 -29.03 -4.48 29.67
CA LEU A 173 -29.74 -5.54 30.38
C LEU A 173 -29.28 -6.90 29.86
N GLY A 174 -28.81 -6.93 28.62
CA GLY A 174 -28.37 -8.17 28.02
C GLY A 174 -27.67 -7.90 26.71
N ARG A 175 -26.82 -8.83 26.27
CA ARG A 175 -26.08 -8.64 25.04
C ARG A 175 -25.59 -9.95 24.45
N ASP A 176 -25.72 -10.07 23.14
CA ASP A 176 -25.29 -11.26 22.43
C ASP A 176 -24.80 -10.76 21.08
N SER A 177 -24.30 -11.64 20.23
CA SER A 177 -23.78 -11.23 18.93
C SER A 177 -23.53 -12.39 17.96
N PHE A 178 -23.29 -12.06 16.70
CA PHE A 178 -23.01 -13.07 15.70
C PHE A 178 -22.34 -12.39 14.52
N GLU A 179 -21.46 -13.13 13.84
CA GLU A 179 -20.73 -12.57 12.71
C GLU A 179 -21.62 -12.54 11.47
N VAL A 180 -21.33 -11.65 10.53
CA VAL A 180 -22.14 -11.57 9.33
C VAL A 180 -21.33 -11.30 8.06
N ARG A 181 -21.67 -12.02 7.00
CA ARG A 181 -21.03 -11.83 5.72
C ARG A 181 -22.12 -11.65 4.67
N VAL A 182 -22.23 -10.45 4.13
CA VAL A 182 -23.23 -10.19 3.12
C VAL A 182 -22.55 -10.44 1.80
N CYS A 183 -23.01 -11.46 1.07
CA CYS A 183 -22.40 -11.81 -0.21
C CYS A 183 -23.44 -12.20 -1.26
N ALA A 184 -22.95 -12.57 -2.45
CA ALA A 184 -23.82 -12.96 -3.55
C ALA A 184 -24.13 -14.45 -3.60
N CYS A 185 -23.29 -15.26 -2.96
CA CYS A 185 -23.48 -16.70 -2.94
C CYS A 185 -23.31 -17.26 -1.53
N PRO A 186 -24.30 -17.04 -0.65
CA PRO A 186 -24.26 -17.52 0.73
C PRO A 186 -23.91 -19.00 0.82
N GLY A 187 -24.66 -19.83 0.11
CA GLY A 187 -24.42 -21.26 0.13
C GLY A 187 -22.99 -21.62 -0.20
N ARG A 188 -22.50 -21.12 -1.33
CA ARG A 188 -21.14 -21.40 -1.75
C ARG A 188 -20.14 -21.01 -0.67
N ASP A 189 -20.13 -19.72 -0.34
CA ASP A 189 -19.20 -19.18 0.64
C ASP A 189 -19.23 -19.92 1.96
N ARG A 190 -20.42 -20.34 2.40
CA ARG A 190 -20.53 -21.07 3.66
C ARG A 190 -19.76 -22.38 3.59
N ARG A 191 -19.94 -23.12 2.49
CA ARG A 191 -19.24 -24.39 2.32
C ARG A 191 -17.72 -24.20 2.39
N THR A 192 -17.22 -23.27 1.58
CA THR A 192 -15.80 -22.99 1.54
C THR A 192 -15.26 -22.73 2.94
N GLU A 193 -15.88 -21.80 3.65
CA GLU A 193 -15.42 -21.47 5.00
C GLU A 193 -15.54 -22.63 5.99
N GLU A 194 -16.63 -23.39 5.91
CA GLU A 194 -16.78 -24.52 6.83
C GLU A 194 -15.79 -25.61 6.44
N GLU A 195 -15.41 -25.63 5.17
CA GLU A 195 -14.44 -26.61 4.67
C GLU A 195 -13.03 -26.25 5.16
N ASN A 196 -12.70 -24.97 5.15
CA ASN A 196 -11.40 -24.53 5.61
C ASN A 196 -11.29 -24.77 7.11
N LEU A 197 -12.40 -24.57 7.81
CA LEU A 197 -12.43 -24.77 9.26
C LEU A 197 -12.17 -26.23 9.58
N ARG A 198 -12.76 -27.12 8.77
CA ARG A 198 -12.60 -28.56 8.96
C ARG A 198 -11.13 -28.96 8.89
N LYS A 199 -10.44 -28.52 7.84
CA LYS A 199 -9.02 -28.85 7.67
C LYS A 199 -8.22 -28.41 8.89
N LYS A 200 -8.43 -27.18 9.32
CA LYS A 200 -7.74 -26.63 10.48
C LYS A 200 -7.94 -27.48 11.73
N THR A 201 -9.07 -28.19 11.80
CA THR A 201 -9.37 -29.03 12.96
C THR A 201 -9.08 -30.51 12.67
N MET A 202 -8.85 -30.81 11.41
CA MET A 202 -8.53 -32.16 10.98
C MET A 202 -7.01 -32.32 11.06
N ASP A 203 -6.35 -31.28 11.56
CA ASP A 203 -4.91 -31.28 11.70
C ASP A 203 -4.47 -32.39 12.66
N GLY A 204 -3.54 -33.22 12.20
CA GLY A 204 -3.07 -34.32 13.03
C GLY A 204 -1.58 -34.37 13.29
N GLU A 205 -0.93 -33.21 13.30
CA GLU A 205 0.50 -33.18 13.56
C GLU A 205 0.69 -33.07 15.08
N TYR A 206 1.75 -33.69 15.59
CA TYR A 206 2.02 -33.64 17.03
C TYR A 206 3.20 -32.78 17.42
N PHE A 207 3.16 -32.29 18.67
CA PHE A 207 4.23 -31.47 19.21
C PHE A 207 4.44 -31.81 20.68
N THR A 208 5.69 -31.74 21.13
CA THR A 208 5.97 -32.03 22.52
C THR A 208 6.27 -30.74 23.24
N LEU A 209 5.86 -30.67 24.51
CA LEU A 209 6.09 -29.48 25.31
C LEU A 209 6.85 -29.85 26.57
N GLN A 210 7.84 -29.04 26.94
CA GLN A 210 8.65 -29.28 28.14
C GLN A 210 8.09 -28.46 29.29
N ILE A 211 7.29 -29.07 30.16
CA ILE A 211 6.72 -28.36 31.30
C ILE A 211 7.61 -28.50 32.53
N ARG A 212 7.75 -27.42 33.30
CA ARG A 212 8.61 -27.42 34.47
C ARG A 212 7.75 -27.36 35.73
N GLY A 213 7.82 -28.41 36.55
CA GLY A 213 7.02 -28.43 37.77
C GLY A 213 5.93 -29.49 37.71
N ARG A 214 5.91 -30.35 38.71
CA ARG A 214 4.95 -31.44 38.79
C ARG A 214 3.48 -30.99 38.79
N GLU A 215 3.13 -30.09 39.70
CA GLU A 215 1.75 -29.61 39.76
C GLU A 215 1.34 -28.89 38.45
N ARG A 216 2.29 -28.22 37.82
CA ARG A 216 2.02 -27.52 36.58
C ARG A 216 1.70 -28.54 35.48
N PHE A 217 2.56 -29.56 35.37
CA PHE A 217 2.37 -30.61 34.38
C PHE A 217 1.00 -31.26 34.60
N GLU A 218 0.67 -31.49 35.85
CA GLU A 218 -0.59 -32.10 36.21
C GLU A 218 -1.74 -31.28 35.65
N GLN A 219 -1.69 -29.96 35.89
CA GLN A 219 -2.72 -29.05 35.42
C GLN A 219 -2.76 -28.99 33.90
N PHE A 220 -1.58 -28.91 33.28
CA PHE A 220 -1.47 -28.85 31.83
C PHE A 220 -1.99 -30.15 31.22
N ARG A 221 -1.55 -31.28 31.76
CA ARG A 221 -1.96 -32.59 31.27
C ARG A 221 -3.47 -32.76 31.31
N GLU A 222 -4.05 -32.57 32.49
CA GLU A 222 -5.50 -32.69 32.66
C GLU A 222 -6.21 -31.87 31.58
N ARG A 223 -5.77 -30.64 31.38
CA ARG A 223 -6.39 -29.77 30.40
C ARG A 223 -6.31 -30.38 29.01
N ASN A 224 -5.16 -30.95 28.67
CA ASN A 224 -4.99 -31.55 27.36
C ASN A 224 -5.91 -32.75 27.20
N GLU A 225 -6.06 -33.54 28.27
CA GLU A 225 -6.95 -34.70 28.21
C GLU A 225 -8.35 -34.21 27.91
N ALA A 226 -8.76 -33.15 28.61
CA ALA A 226 -10.09 -32.57 28.43
C ALA A 226 -10.36 -32.33 26.96
N LEU A 227 -9.35 -31.85 26.24
CA LEU A 227 -9.51 -31.59 24.82
C LEU A 227 -9.47 -32.89 24.04
N GLU A 228 -8.65 -33.83 24.52
CA GLU A 228 -8.55 -35.14 23.86
C GLU A 228 -9.93 -35.78 23.81
N LEU A 229 -10.66 -35.72 24.92
CA LEU A 229 -12.01 -36.30 24.98
C LEU A 229 -12.94 -35.60 24.02
N LYS A 230 -12.95 -34.27 24.04
CA LYS A 230 -13.81 -33.51 23.15
C LYS A 230 -13.51 -33.83 21.69
N ASP A 231 -12.39 -34.51 21.46
CA ASP A 231 -12.02 -34.89 20.11
C ASP A 231 -12.82 -36.13 19.70
N ALA A 232 -13.12 -36.97 20.69
CA ALA A 232 -13.89 -38.19 20.46
C ALA A 232 -15.39 -37.89 20.45
N GLN A 233 -15.79 -36.95 21.30
CA GLN A 233 -17.19 -36.56 21.42
C GLN A 233 -17.85 -36.39 20.05
N ALA A 234 -17.12 -35.81 19.11
CA ALA A 234 -17.65 -35.59 17.78
C ALA A 234 -16.57 -35.79 16.72
N THR A 235 -16.65 -36.91 16.02
CA THR A 235 -15.68 -37.25 14.98
C THR A 235 -16.37 -37.39 13.62
N SER B 2 -27.39 13.44 -25.62
CA SER B 2 -27.81 14.79 -26.14
C SER B 2 -27.05 15.16 -27.42
N SER B 3 -25.77 14.80 -27.46
CA SER B 3 -24.91 15.09 -28.61
C SER B 3 -24.58 13.82 -29.43
N SER B 4 -23.31 13.61 -29.73
CA SER B 4 -22.89 12.44 -30.50
C SER B 4 -21.49 11.97 -30.10
N VAL B 5 -21.02 10.92 -30.77
CA VAL B 5 -19.70 10.36 -30.49
C VAL B 5 -18.69 10.68 -31.60
N PRO B 6 -17.48 11.13 -31.23
CA PRO B 6 -16.43 11.48 -32.20
C PRO B 6 -15.88 10.28 -32.96
N SER B 7 -15.53 10.50 -34.23
CA SER B 7 -14.99 9.43 -35.07
C SER B 7 -13.57 9.02 -34.67
N GLN B 8 -12.96 8.17 -35.48
CA GLN B 8 -11.62 7.68 -35.19
C GLN B 8 -10.95 6.96 -36.36
N LYS B 9 -11.17 7.47 -37.57
CA LYS B 9 -10.56 6.89 -38.77
C LYS B 9 -9.04 7.02 -38.73
N THR B 10 -8.34 6.01 -39.24
CA THR B 10 -6.88 6.02 -39.25
C THR B 10 -6.39 7.20 -40.09
N TYR B 11 -6.32 8.37 -39.47
CA TYR B 11 -5.90 9.59 -40.14
C TYR B 11 -4.47 9.98 -39.81
N GLN B 12 -3.53 9.54 -40.64
CA GLN B 12 -2.11 9.85 -40.44
C GLN B 12 -1.93 11.36 -40.43
N GLY B 13 -2.36 12.01 -41.51
CA GLY B 13 -2.26 13.46 -41.61
C GLY B 13 -1.41 13.92 -42.78
N SER B 14 -0.89 15.12 -42.66
CA SER B 14 -0.05 15.74 -43.68
C SER B 14 1.40 15.25 -43.59
N TYR B 15 1.96 15.27 -42.39
CA TYR B 15 3.34 14.85 -42.15
C TYR B 15 3.43 13.35 -41.90
N GLY B 16 3.19 12.95 -40.65
CA GLY B 16 3.23 11.55 -40.27
C GLY B 16 3.04 11.42 -38.77
N PHE B 17 1.80 11.55 -38.33
CA PHE B 17 1.47 11.47 -36.91
C PHE B 17 0.89 10.11 -36.47
N ARG B 18 1.62 9.44 -35.57
CA ARG B 18 1.21 8.16 -35.00
C ARG B 18 1.81 8.04 -33.61
N LEU B 19 1.36 7.05 -32.84
CA LEU B 19 1.88 6.88 -31.49
C LEU B 19 2.68 5.61 -31.29
N GLY B 20 3.66 5.69 -30.38
CA GLY B 20 4.49 4.54 -30.07
C GLY B 20 4.47 4.24 -28.58
N PHE B 21 4.74 2.99 -28.22
CA PHE B 21 4.75 2.58 -26.82
C PHE B 21 6.01 1.81 -26.45
N LEU B 22 6.71 2.29 -25.43
CA LEU B 22 7.94 1.64 -24.95
C LEU B 22 7.65 0.18 -24.65
N HIS B 23 8.40 -0.72 -25.26
CA HIS B 23 8.19 -2.15 -25.03
C HIS B 23 8.36 -2.49 -23.55
N SER B 24 7.33 -3.14 -23.00
CA SER B 24 7.32 -3.54 -21.59
C SER B 24 7.36 -5.05 -21.46
N GLY B 25 8.13 -5.54 -20.49
CA GLY B 25 8.22 -6.98 -20.27
C GLY B 25 6.97 -7.49 -19.56
N THR B 26 6.29 -8.44 -20.19
CA THR B 26 5.08 -9.02 -19.62
C THR B 26 5.37 -9.66 -18.26
N ALA B 27 4.60 -9.27 -17.25
CA ALA B 27 4.77 -9.79 -15.90
C ALA B 27 3.40 -10.17 -15.35
N LYS B 28 3.20 -9.98 -14.04
CA LYS B 28 1.92 -10.26 -13.39
C LYS B 28 1.37 -8.95 -12.81
N PHE B 29 2.18 -8.30 -12.00
CA PHE B 29 1.82 -7.03 -11.38
C PHE B 29 2.60 -5.87 -12.00
N GLY B 30 3.05 -6.06 -13.24
CA GLY B 30 3.81 -5.03 -13.94
C GLY B 30 3.01 -3.74 -14.11
N THR B 31 3.52 -2.67 -13.52
CA THR B 31 2.87 -1.36 -13.58
C THR B 31 2.18 -1.04 -14.91
N CYS B 32 2.85 -1.33 -16.02
CA CYS B 32 2.25 -1.03 -17.32
C CYS B 32 2.89 -1.75 -18.50
N THR B 33 2.07 -2.15 -19.47
CA THR B 33 2.55 -2.87 -20.65
C THR B 33 1.59 -2.66 -21.82
N TYR B 34 2.14 -2.71 -23.04
CA TYR B 34 1.34 -2.52 -24.25
C TYR B 34 1.42 -3.72 -25.20
N SER B 35 0.28 -4.08 -25.78
CA SER B 35 0.22 -5.20 -26.71
C SER B 35 0.23 -4.71 -28.16
N PRO B 36 1.30 -5.02 -28.90
CA PRO B 36 1.43 -4.59 -30.30
C PRO B 36 0.33 -5.16 -31.19
N ALA B 37 0.16 -6.48 -31.14
CA ALA B 37 -0.85 -7.16 -31.95
C ALA B 37 -2.29 -6.90 -31.51
N LEU B 38 -2.46 -6.06 -30.49
CA LEU B 38 -3.79 -5.74 -29.99
C LEU B 38 -4.06 -4.23 -29.98
N ASN B 39 -2.99 -3.44 -29.99
CA ASN B 39 -3.11 -1.98 -29.96
C ASN B 39 -3.84 -1.59 -28.67
N LYS B 40 -3.64 -2.42 -27.65
CA LYS B 40 -4.28 -2.22 -26.34
C LYS B 40 -3.23 -1.93 -25.27
N MET B 41 -3.51 -0.93 -24.43
CA MET B 41 -2.61 -0.54 -23.35
C MET B 41 -3.10 -0.95 -21.97
N PHE B 42 -2.51 -2.00 -21.41
CA PHE B 42 -2.89 -2.49 -20.09
C PHE B 42 -2.09 -1.69 -19.07
N VAL B 43 -2.75 -1.25 -18.00
CA VAL B 43 -2.05 -0.48 -16.98
C VAL B 43 -2.87 -0.20 -15.74
N GLN B 44 -2.25 -0.31 -14.57
CA GLN B 44 -2.93 -0.05 -13.30
C GLN B 44 -3.29 1.42 -13.23
N LEU B 45 -4.15 1.80 -12.28
CA LEU B 45 -4.57 3.19 -12.17
C LEU B 45 -3.61 4.02 -11.32
N ALA B 46 -3.61 5.32 -11.58
CA ALA B 46 -2.76 6.26 -10.85
C ALA B 46 -1.28 6.10 -11.19
N LYS B 47 -0.97 5.12 -12.05
CA LYS B 47 0.41 4.87 -12.45
C LYS B 47 0.70 5.51 -13.80
N THR B 48 1.57 6.51 -13.77
CA THR B 48 1.96 7.24 -14.97
C THR B 48 2.28 6.34 -16.16
N VAL B 49 1.68 6.64 -17.30
CA VAL B 49 1.89 5.87 -18.51
C VAL B 49 2.41 6.79 -19.61
N PRO B 50 3.58 6.49 -20.17
CA PRO B 50 4.17 7.31 -21.22
C PRO B 50 3.72 6.89 -22.63
N VAL B 51 3.50 7.90 -23.47
CA VAL B 51 3.08 7.66 -24.86
C VAL B 51 3.95 8.53 -25.77
N GLN B 52 4.58 7.88 -26.75
CA GLN B 52 5.47 8.56 -27.69
C GLN B 52 4.72 9.27 -28.81
N LEU B 53 5.29 10.38 -29.25
CA LEU B 53 4.71 11.18 -30.33
C LEU B 53 5.70 11.29 -31.50
N TYR B 54 5.36 10.67 -32.61
CA TYR B 54 6.22 10.71 -33.79
C TYR B 54 5.57 11.49 -34.93
N VAL B 55 6.41 12.20 -35.69
CA VAL B 55 5.92 13.00 -36.82
C VAL B 55 7.09 13.47 -37.68
N ASP B 56 6.86 13.52 -39.00
CA ASP B 56 7.89 13.97 -39.93
C ASP B 56 8.22 15.45 -39.70
N SER B 57 7.92 16.28 -40.70
CA SER B 57 8.18 17.72 -40.59
C SER B 57 7.33 18.29 -39.46
N THR B 58 7.96 19.12 -38.63
CA THR B 58 7.26 19.73 -37.50
C THR B 58 6.11 20.63 -37.95
N PRO B 59 4.90 20.35 -37.47
CA PRO B 59 3.71 21.13 -37.81
C PRO B 59 3.88 22.62 -37.43
N PRO B 60 2.87 23.45 -37.73
CA PRO B 60 2.93 24.89 -37.40
C PRO B 60 2.79 25.16 -35.90
N PRO B 61 3.65 26.04 -35.36
CA PRO B 61 3.62 26.39 -33.93
C PRO B 61 2.20 26.58 -33.40
N GLY B 62 2.00 26.21 -32.13
CA GLY B 62 0.69 26.35 -31.53
C GLY B 62 -0.13 25.08 -31.68
N THR B 63 0.01 24.42 -32.83
CA THR B 63 -0.72 23.18 -33.12
C THR B 63 -0.68 22.25 -31.91
N ARG B 64 -1.78 22.21 -31.16
CA ARG B 64 -1.86 21.38 -29.97
C ARG B 64 -2.22 19.94 -30.34
N VAL B 65 -2.13 19.05 -29.35
CA VAL B 65 -2.44 17.63 -29.56
C VAL B 65 -3.59 17.24 -28.64
N ARG B 66 -4.69 16.81 -29.24
CA ARG B 66 -5.88 16.43 -28.49
C ARG B 66 -5.87 14.97 -28.03
N ALA B 67 -6.32 14.76 -26.81
CA ALA B 67 -6.40 13.42 -26.24
C ALA B 67 -7.76 13.23 -25.55
N MET B 68 -8.55 12.28 -26.04
CA MET B 68 -9.85 12.02 -25.48
C MET B 68 -10.13 10.52 -25.39
N ALA B 69 -11.03 10.13 -24.48
CA ALA B 69 -11.38 8.73 -24.31
C ALA B 69 -12.88 8.51 -24.12
N ILE B 70 -13.40 7.47 -24.78
CA ILE B 70 -14.82 7.15 -24.70
C ILE B 70 -15.03 5.64 -24.72
N TYR B 71 -16.17 5.20 -24.17
CA TYR B 71 -16.50 3.78 -24.10
C TYR B 71 -16.38 3.07 -25.43
N LYS B 72 -15.72 1.91 -25.42
CA LYS B 72 -15.51 1.09 -26.61
C LYS B 72 -16.82 0.66 -27.26
N GLN B 73 -17.55 -0.21 -26.57
CA GLN B 73 -18.83 -0.70 -27.08
C GLN B 73 -19.78 0.43 -27.47
N SER B 74 -20.75 0.10 -28.32
CA SER B 74 -21.72 1.08 -28.79
C SER B 74 -22.88 1.30 -27.82
N GLN B 75 -23.22 0.27 -27.05
CA GLN B 75 -24.33 0.34 -26.10
C GLN B 75 -24.24 1.47 -25.09
N HIS B 76 -23.02 1.82 -24.67
CA HIS B 76 -22.84 2.89 -23.69
C HIS B 76 -21.99 4.01 -24.27
N MET B 77 -21.63 3.90 -25.55
CA MET B 77 -20.79 4.87 -26.23
C MET B 77 -21.11 6.36 -25.97
N THR B 78 -22.36 6.65 -25.67
CA THR B 78 -22.77 8.03 -25.42
C THR B 78 -22.81 8.43 -23.95
N GLU B 79 -22.17 7.63 -23.11
CA GLU B 79 -22.13 7.90 -21.68
C GLU B 79 -20.82 8.58 -21.27
N VAL B 80 -20.91 9.56 -20.38
CA VAL B 80 -19.73 10.29 -19.89
C VAL B 80 -18.81 9.37 -19.09
N VAL B 81 -17.51 9.48 -19.31
CA VAL B 81 -16.54 8.64 -18.60
C VAL B 81 -16.03 9.38 -17.37
N ARG B 82 -16.56 8.99 -16.21
CA ARG B 82 -16.21 9.60 -14.93
C ARG B 82 -15.64 8.55 -13.99
N ARG B 83 -15.37 8.96 -12.75
CA ARG B 83 -14.84 8.03 -11.76
C ARG B 83 -15.97 7.59 -10.84
N CYS B 84 -15.68 6.63 -9.96
CA CYS B 84 -16.69 6.14 -9.03
C CYS B 84 -16.88 7.09 -7.84
N PRO B 85 -17.99 6.94 -7.11
CA PRO B 85 -18.26 7.81 -5.95
C PRO B 85 -17.17 7.68 -4.89
N HIS B 86 -16.52 6.52 -4.85
CA HIS B 86 -15.46 6.27 -3.88
C HIS B 86 -14.23 7.08 -4.25
N HIS B 87 -13.95 7.15 -5.55
CA HIS B 87 -12.80 7.88 -6.07
C HIS B 87 -13.08 9.37 -6.23
N GLU B 88 -14.34 9.73 -6.41
CA GLU B 88 -14.72 11.14 -6.55
C GLU B 88 -14.18 11.91 -5.35
N ARG B 89 -14.63 11.51 -4.15
CA ARG B 89 -14.20 12.15 -2.91
C ARG B 89 -12.68 12.22 -2.84
N SER B 90 -12.03 11.07 -2.99
CA SER B 90 -10.58 10.98 -2.93
C SER B 90 -9.89 12.08 -3.73
N SER B 91 -9.48 13.13 -3.03
CA SER B 91 -8.80 14.27 -3.65
C SER B 91 -7.43 13.87 -4.19
N ASP B 92 -6.92 14.68 -5.12
CA ASP B 92 -5.62 14.43 -5.75
C ASP B 92 -4.65 15.56 -5.44
N SER B 93 -3.36 15.28 -5.60
CA SER B 93 -2.31 16.25 -5.35
C SER B 93 -2.53 17.51 -6.19
N ASP B 94 -3.10 17.31 -7.38
CA ASP B 94 -3.37 18.41 -8.30
C ASP B 94 -4.83 18.83 -8.29
N GLY B 95 -5.05 20.14 -8.36
CA GLY B 95 -6.39 20.67 -8.40
C GLY B 95 -6.69 21.19 -9.80
N LEU B 96 -5.63 21.29 -10.60
CA LEU B 96 -5.73 21.77 -11.98
C LEU B 96 -6.43 20.71 -12.83
N ALA B 97 -6.59 19.52 -12.25
CA ALA B 97 -7.25 18.43 -12.95
C ALA B 97 -8.55 18.08 -12.21
N PRO B 98 -9.69 18.16 -12.91
CA PRO B 98 -11.01 17.84 -12.34
C PRO B 98 -11.05 16.45 -11.72
N PRO B 99 -11.66 16.32 -10.52
CA PRO B 99 -11.74 15.02 -9.85
C PRO B 99 -12.44 13.94 -10.68
N GLN B 100 -13.56 14.28 -11.31
CA GLN B 100 -14.29 13.33 -12.12
C GLN B 100 -13.64 13.15 -13.49
N HIS B 101 -12.32 13.22 -13.52
CA HIS B 101 -11.59 13.06 -14.78
C HIS B 101 -10.79 11.77 -14.80
N LEU B 102 -10.95 11.01 -15.88
CA LEU B 102 -10.25 9.74 -16.04
C LEU B 102 -8.81 9.95 -16.51
N ILE B 103 -8.68 10.61 -17.65
CA ILE B 103 -7.36 10.88 -18.23
C ILE B 103 -6.70 12.09 -17.57
N ARG B 104 -5.37 12.08 -17.59
CA ARG B 104 -4.57 13.17 -17.01
C ARG B 104 -3.26 13.34 -17.76
N VAL B 105 -2.53 14.40 -17.42
CA VAL B 105 -1.25 14.70 -18.03
C VAL B 105 -0.41 15.38 -16.97
N GLU B 106 0.41 14.58 -16.28
CA GLU B 106 1.26 15.10 -15.21
C GLU B 106 2.63 15.51 -15.73
N GLY B 107 3.29 16.38 -14.97
CA GLY B 107 4.60 16.86 -15.35
C GLY B 107 4.55 17.99 -16.37
N ASN B 108 3.34 18.44 -16.66
CA ASN B 108 3.14 19.53 -17.61
C ASN B 108 2.38 20.67 -16.97
N LEU B 109 2.44 21.85 -17.59
CA LEU B 109 1.76 23.04 -17.07
C LEU B 109 0.93 23.71 -18.16
N ARG B 110 1.28 23.45 -19.42
CA ARG B 110 0.57 24.02 -20.56
C ARG B 110 -0.52 23.08 -21.05
N ALA B 111 -0.85 22.09 -20.22
CA ALA B 111 -1.87 21.11 -20.56
C ALA B 111 -3.24 21.61 -20.10
N GLU B 112 -4.24 21.44 -20.97
CA GLU B 112 -5.60 21.87 -20.64
C GLU B 112 -6.53 20.68 -20.45
N TYR B 113 -7.11 20.58 -19.26
CA TYR B 113 -8.05 19.51 -18.95
C TYR B 113 -9.47 19.97 -19.28
N LEU B 114 -9.73 20.13 -20.58
CA LEU B 114 -11.04 20.56 -21.05
C LEU B 114 -12.22 19.84 -20.41
N ASP B 115 -13.40 20.43 -20.57
CA ASP B 115 -14.63 19.89 -20.01
C ASP B 115 -15.80 20.48 -20.79
N ASP B 116 -16.14 19.82 -21.90
CA ASP B 116 -17.22 20.26 -22.78
C ASP B 116 -18.59 19.95 -22.17
N PRO B 117 -19.36 21.00 -21.82
CA PRO B 117 -20.68 20.85 -21.23
C PRO B 117 -21.74 20.29 -22.20
N ASN B 118 -21.92 20.98 -23.31
CA ASN B 118 -22.89 20.60 -24.33
C ASN B 118 -22.76 19.13 -24.74
N THR B 119 -21.61 18.78 -25.31
CA THR B 119 -21.36 17.42 -25.77
C THR B 119 -21.14 16.48 -24.60
N PHE B 120 -20.74 17.05 -23.46
CA PHE B 120 -20.48 16.27 -22.26
C PHE B 120 -19.35 15.26 -22.50
N ARG B 121 -18.24 15.74 -23.07
CA ARG B 121 -17.10 14.87 -23.34
C ARG B 121 -15.79 15.38 -22.78
N HIS B 122 -15.38 14.80 -21.65
CA HIS B 122 -14.13 15.15 -20.99
C HIS B 122 -12.96 14.90 -21.92
N SER B 123 -11.89 15.67 -21.76
CA SER B 123 -10.71 15.52 -22.60
C SER B 123 -9.50 16.26 -22.02
N VAL B 124 -8.47 16.40 -22.85
CA VAL B 124 -7.24 17.09 -22.47
C VAL B 124 -6.42 17.39 -23.72
N VAL B 125 -5.75 18.55 -23.71
CA VAL B 125 -4.94 18.96 -24.86
C VAL B 125 -3.64 19.63 -24.42
N VAL B 126 -2.56 19.34 -25.16
CA VAL B 126 -1.24 19.90 -24.85
C VAL B 126 -0.56 20.40 -26.11
N PRO B 127 0.18 21.52 -26.01
CA PRO B 127 0.90 22.12 -27.14
C PRO B 127 1.99 21.20 -27.67
N TYR B 128 1.77 20.61 -28.84
CA TYR B 128 2.77 19.72 -29.44
C TYR B 128 4.18 20.30 -29.33
N GLU B 129 4.96 19.73 -28.43
CA GLU B 129 6.34 20.18 -28.22
C GLU B 129 7.27 19.53 -29.23
N PRO B 130 8.10 20.33 -29.91
CA PRO B 130 9.05 19.78 -30.89
C PRO B 130 10.10 18.93 -30.21
N PRO B 131 10.53 17.84 -30.86
CA PRO B 131 11.54 16.95 -30.28
C PRO B 131 12.80 17.72 -29.84
N GLU B 132 13.23 17.48 -28.61
CA GLU B 132 14.42 18.12 -28.06
C GLU B 132 15.59 17.96 -29.01
N VAL B 133 16.54 18.89 -28.95
CA VAL B 133 17.72 18.82 -29.80
C VAL B 133 18.35 17.45 -29.56
N GLY B 134 18.26 16.58 -30.55
CA GLY B 134 18.81 15.25 -30.42
C GLY B 134 17.70 14.22 -30.28
N SER B 135 16.69 14.58 -29.50
CA SER B 135 15.55 13.69 -29.25
C SER B 135 14.81 13.49 -30.58
N ASP B 136 14.50 12.24 -30.90
CA ASP B 136 13.82 11.89 -32.16
C ASP B 136 12.29 11.87 -32.11
N TYR B 137 11.70 12.24 -30.98
CA TYR B 137 10.25 12.25 -30.84
C TYR B 137 9.83 13.01 -29.57
N THR B 138 8.52 13.08 -29.34
CA THR B 138 7.99 13.78 -28.18
C THR B 138 7.35 12.80 -27.21
N THR B 139 7.33 13.16 -25.93
CA THR B 139 6.73 12.31 -24.91
C THR B 139 5.68 13.02 -24.06
N ILE B 140 4.64 12.28 -23.68
CA ILE B 140 3.54 12.80 -22.87
C ILE B 140 3.17 11.74 -21.83
N TYR B 141 2.97 12.17 -20.59
CA TYR B 141 2.64 11.25 -19.50
C TYR B 141 1.21 11.37 -19.01
N PHE B 142 0.49 10.24 -19.05
CA PHE B 142 -0.90 10.17 -18.61
C PHE B 142 -1.03 9.37 -17.31
N LYS B 143 -2.14 9.57 -16.61
CA LYS B 143 -2.38 8.87 -15.35
C LYS B 143 -3.88 8.57 -15.15
N PHE B 144 -4.37 7.56 -15.87
CA PHE B 144 -5.79 7.15 -15.79
C PHE B 144 -6.19 6.89 -14.35
N MET B 145 -6.95 7.81 -13.78
CA MET B 145 -7.36 7.75 -12.37
C MET B 145 -8.64 6.99 -12.01
N CYS B 146 -8.84 5.80 -12.56
CA CYS B 146 -10.03 5.01 -12.23
C CYS B 146 -10.00 3.68 -12.98
N ASN B 147 -10.03 2.59 -12.22
CA ASN B 147 -10.01 1.26 -12.83
C ASN B 147 -11.23 1.05 -13.71
N SER B 148 -11.18 0.01 -14.55
CA SER B 148 -12.29 -0.31 -15.42
C SER B 148 -13.35 -1.12 -14.66
N SER B 149 -12.90 -2.02 -13.80
CA SER B 149 -13.81 -2.86 -13.03
C SER B 149 -14.57 -2.09 -11.93
N CYS B 150 -14.17 -0.86 -11.68
CA CYS B 150 -14.84 -0.06 -10.64
C CYS B 150 -16.35 0.04 -10.84
N MET B 151 -17.08 -0.12 -9.73
CA MET B 151 -18.55 -0.04 -9.76
C MET B 151 -18.96 1.43 -9.69
N GLY B 152 -19.75 1.87 -10.66
CA GLY B 152 -20.19 3.26 -10.68
C GLY B 152 -19.36 4.07 -11.68
N GLY B 153 -18.50 3.38 -12.42
CA GLY B 153 -17.67 4.05 -13.41
C GLY B 153 -17.77 3.31 -14.74
N MET B 154 -16.63 2.88 -15.29
CA MET B 154 -16.64 2.16 -16.54
C MET B 154 -17.40 0.86 -16.35
N ASN B 155 -17.46 0.41 -15.10
CA ASN B 155 -18.17 -0.81 -14.74
C ASN B 155 -17.92 -1.95 -15.73
N ARG B 156 -16.70 -2.47 -15.73
CA ARG B 156 -16.30 -3.57 -16.62
C ARG B 156 -16.38 -3.22 -18.11
N ARG B 157 -17.12 -2.17 -18.43
CA ARG B 157 -17.28 -1.76 -19.83
C ARG B 157 -15.99 -1.22 -20.43
N PRO B 158 -15.46 -1.88 -21.48
CA PRO B 158 -14.23 -1.50 -22.19
C PRO B 158 -14.21 -0.04 -22.59
N ILE B 159 -13.01 0.48 -22.84
CA ILE B 159 -12.83 1.88 -23.25
C ILE B 159 -11.93 1.99 -24.46
N LEU B 160 -11.53 3.22 -24.78
CA LEU B 160 -10.66 3.50 -25.91
C LEU B 160 -10.16 4.93 -25.75
N VAL B 161 -9.01 5.24 -26.35
CA VAL B 161 -8.44 6.58 -26.26
C VAL B 161 -7.99 7.10 -27.63
N ILE B 162 -8.66 8.13 -28.11
CA ILE B 162 -8.33 8.72 -29.41
C ILE B 162 -7.43 9.94 -29.25
N ILE B 163 -6.22 9.84 -29.78
CA ILE B 163 -5.26 10.94 -29.71
C ILE B 163 -5.26 11.62 -31.07
N THR B 164 -5.94 12.75 -31.16
CA THR B 164 -6.02 13.49 -32.42
C THR B 164 -5.24 14.79 -32.37
N LEU B 165 -4.62 15.15 -33.50
CA LEU B 165 -3.84 16.38 -33.58
C LEU B 165 -4.73 17.49 -34.15
N GLU B 166 -4.80 18.60 -33.42
CA GLU B 166 -5.62 19.75 -33.83
C GLU B 166 -4.78 20.89 -34.43
N ASP B 167 -5.21 22.11 -34.15
CA ASP B 167 -4.53 23.30 -34.64
C ASP B 167 -4.90 24.51 -33.80
N SER B 168 -4.82 25.71 -34.39
CA SER B 168 -5.14 26.94 -33.68
C SER B 168 -6.50 26.89 -33.02
N SER B 169 -7.50 26.43 -33.76
CA SER B 169 -8.87 26.34 -33.24
C SER B 169 -9.15 24.96 -32.64
N GLY B 170 -8.62 23.92 -33.28
CA GLY B 170 -8.83 22.56 -32.81
C GLY B 170 -9.50 21.69 -33.85
N ASN B 171 -9.24 21.98 -35.12
CA ASN B 171 -9.82 21.22 -36.21
C ASN B 171 -9.17 19.84 -36.31
N LEU B 172 -8.71 19.50 -37.52
CA LEU B 172 -8.06 18.21 -37.75
C LEU B 172 -6.68 18.38 -38.38
N LEU B 173 -5.75 17.51 -38.00
CA LEU B 173 -4.39 17.53 -38.50
C LEU B 173 -3.69 16.20 -38.19
N GLY B 174 -4.32 15.41 -37.32
CA GLY B 174 -3.77 14.12 -36.93
C GLY B 174 -4.81 13.26 -36.20
N ARG B 175 -4.59 11.95 -36.19
CA ARG B 175 -5.51 11.03 -35.52
C ARG B 175 -4.81 9.72 -35.14
N ASP B 176 -5.12 9.21 -33.95
CA ASP B 176 -4.54 7.95 -33.47
C ASP B 176 -5.44 7.38 -32.38
N SER B 177 -5.34 6.08 -32.14
CA SER B 177 -6.16 5.42 -31.13
C SER B 177 -5.53 4.13 -30.60
N PHE B 178 -6.08 3.62 -29.50
CA PHE B 178 -5.60 2.40 -28.86
C PHE B 178 -6.44 2.09 -27.61
N GLU B 179 -6.89 0.85 -27.48
CA GLU B 179 -7.71 0.46 -26.34
C GLU B 179 -6.94 0.65 -25.04
N VAL B 180 -7.66 0.92 -23.96
CA VAL B 180 -7.04 1.14 -22.65
C VAL B 180 -7.79 0.48 -21.50
N ARG B 181 -7.36 -0.73 -21.15
CA ARG B 181 -7.97 -1.47 -20.05
C ARG B 181 -7.19 -1.23 -18.76
N VAL B 182 -7.74 -0.43 -17.85
CA VAL B 182 -7.09 -0.16 -16.58
C VAL B 182 -7.46 -1.25 -15.57
N CYS B 183 -6.47 -1.96 -15.06
CA CYS B 183 -6.72 -3.04 -14.09
C CYS B 183 -5.61 -3.21 -13.06
N ALA B 184 -5.66 -4.34 -12.35
CA ALA B 184 -4.67 -4.63 -11.32
C ALA B 184 -3.68 -5.71 -11.73
N CYS B 185 -3.73 -6.13 -13.00
CA CYS B 185 -2.83 -7.16 -13.49
C CYS B 185 -2.62 -7.05 -15.00
N PRO B 186 -1.98 -5.97 -15.45
CA PRO B 186 -1.71 -5.75 -16.88
C PRO B 186 -1.10 -6.98 -17.55
N GLY B 187 -0.07 -7.54 -16.93
CA GLY B 187 0.58 -8.71 -17.47
C GLY B 187 -0.33 -9.91 -17.57
N ARG B 188 -0.93 -10.30 -16.44
CA ARG B 188 -1.83 -11.45 -16.40
C ARG B 188 -2.93 -11.29 -17.44
N ASP B 189 -3.56 -10.13 -17.43
CA ASP B 189 -4.65 -9.83 -18.35
C ASP B 189 -4.19 -9.77 -19.81
N ARG B 190 -2.96 -9.35 -20.04
CA ARG B 190 -2.45 -9.28 -21.39
C ARG B 190 -2.28 -10.66 -22.02
N ARG B 191 -1.91 -11.65 -21.21
CA ARG B 191 -1.74 -13.01 -21.72
C ARG B 191 -3.09 -13.59 -22.09
N THR B 192 -3.98 -13.63 -21.11
CA THR B 192 -5.31 -14.17 -21.30
C THR B 192 -6.02 -13.58 -22.52
N GLU B 193 -5.58 -12.41 -22.97
CA GLU B 193 -6.18 -11.78 -24.13
C GLU B 193 -5.43 -12.08 -25.41
N GLU B 194 -4.11 -11.87 -25.41
CA GLU B 194 -3.30 -12.15 -26.60
C GLU B 194 -3.41 -13.64 -26.92
N GLU B 195 -3.50 -14.44 -25.87
CA GLU B 195 -3.63 -15.89 -26.02
C GLU B 195 -4.99 -16.23 -26.59
N ASN B 196 -6.05 -15.70 -25.98
CA ASN B 196 -7.41 -15.96 -26.45
C ASN B 196 -7.58 -15.46 -27.88
N LEU B 197 -6.72 -14.52 -28.28
CA LEU B 197 -6.76 -13.98 -29.63
C LEU B 197 -6.22 -15.03 -30.60
N ARG B 198 -5.04 -15.56 -30.27
CA ARG B 198 -4.38 -16.57 -31.09
C ARG B 198 -5.19 -17.88 -31.16
N LYS B 199 -6.16 -18.01 -30.26
CA LYS B 199 -7.03 -19.19 -30.24
C LYS B 199 -8.13 -18.99 -31.28
N LYS B 200 -7.95 -17.97 -32.12
CA LYS B 200 -8.91 -17.65 -33.17
C LYS B 200 -8.19 -17.68 -34.51
N THR B 201 -8.57 -18.63 -35.36
CA THR B 201 -7.96 -18.77 -36.69
C THR B 201 -6.44 -18.88 -36.56
N MET B 202 -5.96 -20.09 -36.28
CA MET B 202 -4.54 -20.34 -36.13
C MET B 202 -3.99 -21.14 -37.31
N ASP B 203 -4.86 -21.43 -38.27
CA ASP B 203 -4.52 -22.23 -39.45
C ASP B 203 -3.99 -21.37 -40.60
N GLY B 204 -3.30 -22.02 -41.54
CA GLY B 204 -2.75 -21.32 -42.69
C GLY B 204 -1.24 -21.49 -42.76
N GLU B 205 -0.54 -20.44 -43.22
CA GLU B 205 0.91 -20.49 -43.32
C GLU B 205 1.56 -20.21 -41.97
N TYR B 206 1.85 -21.29 -41.24
CA TYR B 206 2.49 -21.17 -39.93
C TYR B 206 3.42 -22.37 -39.70
N PHE B 207 4.73 -22.11 -39.74
CA PHE B 207 5.72 -23.15 -39.54
C PHE B 207 6.46 -22.94 -38.23
N THR B 208 6.88 -24.03 -37.60
CA THR B 208 7.59 -23.98 -36.33
C THR B 208 8.98 -23.37 -36.50
N LEU B 209 9.44 -22.66 -35.47
CA LEU B 209 10.75 -22.01 -35.51
C LEU B 209 11.38 -22.03 -34.12
N GLN B 210 12.45 -22.81 -33.96
CA GLN B 210 13.15 -22.90 -32.68
C GLN B 210 13.74 -21.54 -32.28
N ILE B 211 13.37 -21.09 -31.09
CA ILE B 211 13.86 -19.81 -30.57
C ILE B 211 14.44 -19.97 -29.18
N ARG B 212 15.76 -19.80 -29.05
CA ARG B 212 16.45 -19.94 -27.77
C ARG B 212 16.39 -18.63 -26.98
N GLY B 213 16.46 -18.75 -25.65
CA GLY B 213 16.42 -17.57 -24.80
C GLY B 213 15.00 -17.10 -24.56
N ARG B 214 14.69 -16.79 -23.30
CA ARG B 214 13.36 -16.32 -22.95
C ARG B 214 13.12 -14.91 -23.50
N GLU B 215 14.01 -13.99 -23.15
CA GLU B 215 13.90 -12.62 -23.61
C GLU B 215 13.94 -12.54 -25.14
N ARG B 216 14.93 -13.21 -25.73
CA ARG B 216 15.06 -13.23 -27.18
C ARG B 216 13.79 -13.82 -27.81
N PHE B 217 13.05 -14.60 -27.04
CA PHE B 217 11.81 -15.19 -27.52
C PHE B 217 10.74 -14.11 -27.60
N GLU B 218 10.80 -13.16 -26.66
CA GLU B 218 9.87 -12.05 -26.62
C GLU B 218 10.21 -11.08 -27.75
N GLN B 219 11.50 -11.00 -28.07
CA GLN B 219 11.97 -10.12 -29.14
C GLN B 219 11.43 -10.53 -30.49
N PHE B 220 11.59 -11.81 -30.83
CA PHE B 220 11.12 -12.34 -32.11
C PHE B 220 9.61 -12.20 -32.30
N ARG B 221 8.88 -12.10 -31.20
CA ARG B 221 7.43 -11.96 -31.26
C ARG B 221 7.08 -10.48 -31.38
N GLU B 222 7.91 -9.64 -30.77
CA GLU B 222 7.72 -8.19 -30.79
C GLU B 222 7.81 -7.63 -32.21
N ARG B 223 8.34 -8.44 -33.14
CA ARG B 223 8.48 -8.03 -34.53
C ARG B 223 7.56 -8.83 -35.45
N ASN B 224 7.49 -10.14 -35.22
CA ASN B 224 6.64 -11.01 -36.03
C ASN B 224 5.20 -10.54 -35.94
N GLU B 225 4.83 -10.04 -34.77
CA GLU B 225 3.46 -9.54 -34.54
C GLU B 225 3.32 -8.12 -35.09
N ALA B 226 4.39 -7.36 -35.03
CA ALA B 226 4.39 -5.99 -35.54
C ALA B 226 4.14 -6.01 -37.06
N LEU B 227 4.82 -6.92 -37.75
CA LEU B 227 4.66 -7.07 -39.19
C LEU B 227 3.32 -7.73 -39.47
N GLU B 228 2.90 -8.63 -38.57
CA GLU B 228 1.63 -9.33 -38.70
C GLU B 228 0.47 -8.34 -38.61
N LEU B 229 0.75 -7.16 -38.03
CA LEU B 229 -0.25 -6.11 -37.91
C LEU B 229 -0.60 -5.57 -39.30
N LYS B 230 0.43 -5.38 -40.13
CA LYS B 230 0.25 -4.88 -41.49
C LYS B 230 -0.72 -5.79 -42.24
N ASP B 231 -0.71 -7.07 -41.88
CA ASP B 231 -1.59 -8.05 -42.50
C ASP B 231 -3.03 -7.83 -42.03
N ALA B 232 -3.22 -6.77 -41.25
CA ALA B 232 -4.53 -6.41 -40.73
C ALA B 232 -4.75 -4.91 -40.86
N GLN B 233 -3.64 -4.16 -40.90
CA GLN B 233 -3.68 -2.71 -41.03
C GLN B 233 -4.44 -2.32 -42.30
N ALA B 234 -4.22 -3.08 -43.37
CA ALA B 234 -4.87 -2.84 -44.66
C ALA B 234 -6.08 -3.75 -44.87
N THR B 235 -6.87 -3.95 -43.80
CA THR B 235 -8.06 -4.79 -43.88
C THR B 235 -9.33 -3.95 -43.69
N SER C 2 21.63 13.60 30.42
CA SER C 2 21.21 13.05 31.75
C SER C 2 20.70 14.17 32.66
N SER C 3 19.38 14.23 32.82
CA SER C 3 18.76 15.25 33.67
C SER C 3 17.43 14.77 34.28
N SER C 4 16.70 13.93 33.54
CA SER C 4 15.42 13.42 34.03
C SER C 4 14.89 12.20 33.25
N VAL C 5 14.70 11.10 33.97
CA VAL C 5 14.21 9.85 33.39
C VAL C 5 12.97 9.36 34.13
N PRO C 6 11.88 9.10 33.40
CA PRO C 6 10.65 8.63 34.03
C PRO C 6 10.71 7.19 34.55
N SER C 7 10.20 6.98 35.75
CA SER C 7 10.19 5.65 36.36
C SER C 7 9.42 4.63 35.50
N GLN C 8 9.86 3.37 35.57
CA GLN C 8 9.22 2.31 34.82
C GLN C 8 8.90 1.14 35.75
N LYS C 9 9.00 1.39 37.05
CA LYS C 9 8.73 0.37 38.07
C LYS C 9 7.24 0.00 38.18
N THR C 10 6.91 -1.25 37.87
CA THR C 10 5.54 -1.72 37.94
C THR C 10 4.98 -1.41 39.32
N TYR C 11 3.75 -0.90 39.37
CA TYR C 11 3.14 -0.53 40.64
C TYR C 11 1.63 -0.69 40.59
N GLN C 12 1.15 -1.87 40.97
CA GLN C 12 -0.30 -2.16 40.95
C GLN C 12 -1.12 -1.14 41.72
N GLY C 13 -0.57 -0.60 42.81
CA GLY C 13 -1.27 0.40 43.59
C GLY C 13 -2.50 -0.12 44.31
N SER C 14 -3.20 0.77 44.99
CA SER C 14 -4.39 0.44 45.77
C SER C 14 -5.56 -0.10 44.96
N TYR C 15 -5.54 0.11 43.65
CA TYR C 15 -6.63 -0.36 42.82
C TYR C 15 -6.22 -1.60 42.00
N GLY C 16 -5.05 -2.15 42.30
CA GLY C 16 -4.58 -3.32 41.58
C GLY C 16 -4.54 -3.16 40.07
N PHE C 17 -3.92 -2.08 39.61
CA PHE C 17 -3.80 -1.76 38.19
C PHE C 17 -2.83 -2.65 37.44
N ARG C 18 -3.24 -3.09 36.25
CA ARG C 18 -2.39 -3.90 35.39
C ARG C 18 -2.98 -4.00 33.98
N LEU C 19 -2.14 -4.42 33.03
CA LEU C 19 -2.55 -4.52 31.65
C LEU C 19 -2.75 -5.96 31.18
N GLY C 20 -3.44 -6.09 30.06
CA GLY C 20 -3.71 -7.39 29.46
C GLY C 20 -3.73 -7.19 27.96
N PHE C 21 -3.57 -8.28 27.20
CA PHE C 21 -3.57 -8.17 25.75
C PHE C 21 -4.39 -9.27 25.07
N LEU C 22 -4.40 -9.25 23.74
CA LEU C 22 -5.14 -10.26 22.96
C LEU C 22 -4.18 -11.34 22.48
N HIS C 23 -4.72 -12.51 22.17
CA HIS C 23 -3.89 -13.61 21.67
C HIS C 23 -3.86 -13.56 20.15
N SER C 24 -2.65 -13.39 19.61
CA SER C 24 -2.45 -13.28 18.17
C SER C 24 -1.60 -14.42 17.63
N GLY C 25 -1.68 -14.62 16.31
CA GLY C 25 -0.91 -15.67 15.66
C GLY C 25 0.37 -15.14 15.05
N THR C 26 1.40 -15.98 15.06
CA THR C 26 2.71 -15.61 14.53
C THR C 26 2.69 -15.60 13.00
N ALA C 27 1.80 -14.81 12.43
CA ALA C 27 1.67 -14.71 10.98
C ALA C 27 2.96 -14.20 10.35
N LYS C 28 2.87 -13.77 9.09
CA LYS C 28 4.02 -13.25 8.36
C LYS C 28 3.99 -11.73 8.50
N PHE C 29 2.93 -11.13 7.98
CA PHE C 29 2.72 -9.69 8.06
C PHE C 29 1.52 -9.39 8.98
N GLY C 30 1.42 -10.13 10.08
CA GLY C 30 0.34 -9.93 11.02
C GLY C 30 0.38 -8.54 11.64
N THR C 31 -0.65 -7.74 11.34
CA THR C 31 -0.75 -6.38 11.84
C THR C 31 -0.29 -6.17 13.27
N CYS C 32 -0.65 -7.09 14.16
CA CYS C 32 -0.29 -6.95 15.56
C CYS C 32 -0.23 -8.28 16.29
N THR C 33 0.72 -8.45 17.20
CA THR C 33 0.85 -9.70 17.95
C THR C 33 1.67 -9.53 19.24
N TYR C 34 1.14 -9.99 20.35
CA TYR C 34 1.82 -9.86 21.64
C TYR C 34 2.46 -11.17 22.09
N SER C 35 3.65 -11.06 22.67
CA SER C 35 4.37 -12.23 23.14
C SER C 35 4.48 -12.24 24.66
N PRO C 36 3.66 -13.08 25.32
CA PRO C 36 3.67 -13.20 26.78
C PRO C 36 5.03 -13.63 27.31
N ALA C 37 5.80 -14.32 26.47
CA ALA C 37 7.12 -14.79 26.85
C ALA C 37 8.13 -13.67 27.02
N LEU C 38 7.95 -12.59 26.27
CA LEU C 38 8.87 -11.46 26.33
C LEU C 38 8.23 -10.19 26.87
N ASN C 39 6.90 -10.21 27.03
CA ASN C 39 6.13 -9.03 27.47
C ASN C 39 6.47 -7.92 26.47
N LYS C 40 6.34 -8.25 25.19
CA LYS C 40 6.66 -7.32 24.14
C LYS C 40 5.64 -7.41 23.02
N MET C 41 5.24 -6.25 22.51
CA MET C 41 4.25 -6.17 21.43
C MET C 41 4.95 -5.98 20.10
N PHE C 42 4.59 -6.79 19.10
CA PHE C 42 5.14 -6.65 17.76
C PHE C 42 4.03 -6.08 16.87
N VAL C 43 4.18 -4.84 16.40
CA VAL C 43 3.13 -4.23 15.59
C VAL C 43 3.60 -3.46 14.36
N GLN C 44 2.72 -3.37 13.36
CA GLN C 44 3.07 -2.66 12.14
C GLN C 44 2.80 -1.18 12.26
N LEU C 45 3.59 -0.41 11.53
CA LEU C 45 3.50 1.04 11.52
C LEU C 45 2.08 1.58 11.28
N ALA C 46 1.61 2.36 12.24
CA ALA C 46 0.31 3.01 12.19
C ALA C 46 -0.92 2.08 12.25
N LYS C 47 -0.73 0.87 12.79
CA LYS C 47 -1.83 -0.06 12.93
C LYS C 47 -2.29 -0.11 14.39
N THR C 48 -3.60 -0.27 14.59
CA THR C 48 -4.20 -0.31 15.92
C THR C 48 -3.62 -1.35 16.86
N VAL C 49 -3.42 -0.97 18.11
CA VAL C 49 -2.89 -1.86 19.12
C VAL C 49 -3.81 -1.76 20.34
N PRO C 50 -4.54 -2.82 20.64
CA PRO C 50 -5.44 -2.75 21.81
C PRO C 50 -4.73 -3.12 23.09
N VAL C 51 -4.96 -2.34 24.13
CA VAL C 51 -4.36 -2.62 25.43
C VAL C 51 -5.49 -2.71 26.44
N GLN C 52 -5.55 -3.83 27.16
CA GLN C 52 -6.60 -4.01 28.15
C GLN C 52 -6.18 -3.48 29.50
N LEU C 53 -7.06 -2.67 30.10
CA LEU C 53 -6.84 -2.06 31.41
C LEU C 53 -7.66 -2.78 32.48
N TYR C 54 -6.98 -3.43 33.44
CA TYR C 54 -7.69 -4.14 34.51
C TYR C 54 -7.48 -3.42 35.81
N VAL C 55 -8.53 -3.40 36.64
CA VAL C 55 -8.48 -2.74 37.94
C VAL C 55 -9.29 -3.58 38.96
N ASP C 56 -8.78 -3.68 40.19
CA ASP C 56 -9.47 -4.44 41.25
C ASP C 56 -10.65 -3.66 41.84
N SER C 57 -10.57 -2.34 41.79
CA SER C 57 -11.63 -1.49 42.32
C SER C 57 -11.67 -0.18 41.55
N THR C 58 -12.85 0.38 41.36
CA THR C 58 -13.01 1.64 40.62
C THR C 58 -12.24 2.81 41.23
N PRO C 59 -11.39 3.46 40.42
CA PRO C 59 -10.57 4.62 40.82
C PRO C 59 -11.42 5.88 41.00
N PRO C 60 -10.94 6.85 41.80
CA PRO C 60 -11.68 8.09 42.03
C PRO C 60 -12.05 8.85 40.75
N PRO C 61 -13.05 9.75 40.83
CA PRO C 61 -13.50 10.54 39.69
C PRO C 61 -12.42 11.45 39.14
N GLY C 62 -12.34 11.53 37.81
CA GLY C 62 -11.34 12.38 37.17
C GLY C 62 -9.99 11.69 37.02
N THR C 63 -9.99 10.38 37.11
CA THR C 63 -8.77 9.61 36.99
C THR C 63 -8.40 9.54 35.51
N ARG C 64 -7.12 9.56 35.22
CA ARG C 64 -6.67 9.54 33.85
C ARG C 64 -5.61 8.47 33.61
N VAL C 65 -5.46 8.10 32.34
CA VAL C 65 -4.50 7.12 31.90
C VAL C 65 -3.58 7.82 30.91
N ARG C 66 -2.27 7.65 31.10
CA ARG C 66 -1.26 8.27 30.26
C ARG C 66 -0.23 7.27 29.73
N ALA C 67 0.06 7.36 28.44
CA ALA C 67 1.03 6.48 27.82
C ALA C 67 2.22 7.32 27.47
N MET C 68 3.41 6.78 27.68
CA MET C 68 4.64 7.49 27.38
C MET C 68 5.67 6.45 26.98
N ALA C 69 6.49 6.80 26.00
CA ALA C 69 7.53 5.90 25.50
C ALA C 69 8.95 6.38 25.82
N ILE C 70 9.80 5.45 26.23
CA ILE C 70 11.18 5.76 26.53
C ILE C 70 12.06 4.67 25.94
N TYR C 71 13.34 4.95 25.76
CA TYR C 71 14.25 3.95 25.22
C TYR C 71 14.59 2.94 26.32
N LYS C 72 14.64 1.66 25.95
CA LYS C 72 14.93 0.59 26.90
C LYS C 72 16.40 0.52 27.34
N GLN C 73 17.33 0.71 26.39
CA GLN C 73 18.76 0.65 26.69
C GLN C 73 19.20 1.86 27.54
N SER C 74 19.85 1.58 28.66
CA SER C 74 20.28 2.62 29.60
C SER C 74 21.04 3.80 29.00
N GLN C 75 21.85 3.56 27.96
CA GLN C 75 22.62 4.64 27.35
C GLN C 75 21.78 5.56 26.49
N HIS C 76 20.47 5.30 26.41
CA HIS C 76 19.59 6.13 25.62
C HIS C 76 18.40 6.61 26.40
N MET C 77 18.24 6.14 27.63
CA MET C 77 17.12 6.53 28.48
C MET C 77 16.84 8.03 28.61
N THR C 78 17.87 8.85 28.53
CA THR C 78 17.70 10.29 28.65
C THR C 78 17.28 10.95 27.34
N GLU C 79 17.23 10.17 26.26
CA GLU C 79 16.86 10.73 24.98
C GLU C 79 15.37 10.60 24.67
N VAL C 80 14.72 11.75 24.52
CA VAL C 80 13.29 11.80 24.22
C VAL C 80 12.91 10.99 22.98
N VAL C 81 11.85 10.19 23.09
CA VAL C 81 11.39 9.41 21.96
C VAL C 81 10.42 10.23 21.14
N ARG C 82 10.73 10.47 19.87
CA ARG C 82 9.85 11.25 18.98
C ARG C 82 9.90 10.75 17.56
N ARG C 83 8.99 11.22 16.71
CA ARG C 83 8.97 10.79 15.31
C ARG C 83 10.23 11.22 14.57
N CYS C 84 10.51 10.53 13.46
CA CYS C 84 11.69 10.84 12.67
C CYS C 84 11.38 11.97 11.69
N PRO C 85 12.42 12.65 11.15
CA PRO C 85 12.25 13.76 10.20
C PRO C 85 11.30 13.48 9.08
N HIS C 86 11.40 12.29 8.49
CA HIS C 86 10.52 11.94 7.40
C HIS C 86 9.04 11.95 7.81
N HIS C 87 8.66 10.98 8.62
CA HIS C 87 7.28 10.83 9.09
C HIS C 87 6.75 12.05 9.84
N GLU C 88 7.63 12.78 10.51
CA GLU C 88 7.25 13.98 11.25
C GLU C 88 6.66 15.02 10.29
N ARG C 89 7.28 15.16 9.13
CA ARG C 89 6.82 16.11 8.11
C ARG C 89 5.71 15.44 7.30
N SER C 90 4.58 15.18 7.94
CA SER C 90 3.44 14.56 7.28
C SER C 90 2.22 14.60 8.18
N SER C 91 1.20 15.34 7.74
CA SER C 91 -0.03 15.49 8.50
C SER C 91 -1.03 14.39 8.13
N ASP C 92 -1.23 13.46 9.05
CA ASP C 92 -2.14 12.35 8.84
C ASP C 92 -3.58 12.75 9.11
N SER C 93 -4.52 11.91 8.67
CA SER C 93 -5.95 12.15 8.84
C SER C 93 -6.28 12.74 10.22
N ASP C 94 -5.50 12.37 11.22
CA ASP C 94 -5.70 12.86 12.59
C ASP C 94 -5.07 14.23 12.74
N GLY C 95 -5.84 15.16 13.30
CA GLY C 95 -5.34 16.51 13.51
C GLY C 95 -5.32 16.92 14.97
N LEU C 96 -5.63 15.98 15.85
CA LEU C 96 -5.67 16.26 17.28
C LEU C 96 -4.28 16.04 17.86
N ALA C 97 -3.51 15.17 17.23
CA ALA C 97 -2.18 14.87 17.72
C ALA C 97 -1.04 15.63 17.04
N PRO C 98 -0.16 16.24 17.82
CA PRO C 98 0.96 16.98 17.24
C PRO C 98 1.67 16.04 16.25
N PRO C 99 2.19 16.58 15.14
CA PRO C 99 2.86 15.72 14.17
C PRO C 99 4.13 15.03 14.67
N GLN C 100 4.68 15.48 15.80
CA GLN C 100 5.91 14.85 16.28
C GLN C 100 5.72 13.71 17.28
N HIS C 101 4.53 13.61 17.88
CA HIS C 101 4.29 12.53 18.85
C HIS C 101 4.31 11.15 18.23
N LEU C 102 5.01 10.24 18.89
CA LEU C 102 5.11 8.86 18.41
C LEU C 102 3.84 8.05 18.65
N ILE C 103 3.27 8.19 19.86
CA ILE C 103 2.08 7.44 20.23
C ILE C 103 0.80 8.24 20.07
N ARG C 104 -0.23 7.60 19.54
CA ARG C 104 -1.51 8.27 19.37
C ARG C 104 -2.61 7.38 19.95
N VAL C 105 -3.76 7.98 20.23
CA VAL C 105 -4.87 7.22 20.74
C VAL C 105 -5.96 7.35 19.71
N GLU C 106 -6.57 6.23 19.32
CA GLU C 106 -7.62 6.26 18.32
C GLU C 106 -9.00 6.35 18.96
N GLY C 107 -9.97 6.79 18.16
CA GLY C 107 -11.34 6.92 18.64
C GLY C 107 -11.58 7.52 20.01
N ASN C 108 -10.94 8.64 20.31
CA ASN C 108 -11.19 9.30 21.58
C ASN C 108 -10.89 10.79 21.46
N LEU C 109 -11.93 11.59 21.23
CA LEU C 109 -11.76 13.02 21.07
C LEU C 109 -11.42 13.72 22.38
N ARG C 110 -11.36 12.97 23.48
CA ARG C 110 -11.04 13.57 24.78
C ARG C 110 -9.57 13.36 25.12
N ALA C 111 -8.84 12.76 24.20
CA ALA C 111 -7.41 12.55 24.41
C ALA C 111 -6.70 13.91 24.33
N GLU C 112 -5.74 14.14 25.21
CA GLU C 112 -4.98 15.40 25.24
C GLU C 112 -3.50 15.06 25.12
N TYR C 113 -2.80 15.71 24.18
CA TYR C 113 -1.37 15.46 23.96
C TYR C 113 -0.53 16.50 24.66
N LEU C 114 0.41 16.04 25.49
CA LEU C 114 1.27 16.94 26.24
C LEU C 114 2.73 16.96 25.82
N ASP C 115 3.30 18.16 25.78
CA ASP C 115 4.71 18.38 25.48
C ASP C 115 5.26 18.97 26.78
N ASP C 116 5.86 18.14 27.62
CA ASP C 116 6.39 18.62 28.88
C ASP C 116 7.38 19.80 28.72
N PRO C 117 7.09 20.92 29.38
CA PRO C 117 7.94 22.12 29.32
C PRO C 117 9.33 21.95 29.92
N ASN C 118 9.46 21.03 30.87
CA ASN C 118 10.75 20.79 31.50
C ASN C 118 11.45 19.56 30.92
N THR C 119 10.86 18.39 31.10
CA THR C 119 11.43 17.15 30.61
C THR C 119 11.39 17.03 29.09
N PHE C 120 10.52 17.83 28.45
CA PHE C 120 10.37 17.80 27.00
C PHE C 120 9.84 16.45 26.47
N ARG C 121 9.45 15.58 27.38
CA ARG C 121 8.91 14.27 27.00
C ARG C 121 7.50 14.41 26.40
N HIS C 122 7.12 13.45 25.55
CA HIS C 122 5.80 13.44 24.92
C HIS C 122 4.90 12.41 25.59
N SER C 123 3.60 12.68 25.62
CA SER C 123 2.67 11.74 26.22
C SER C 123 1.24 12.08 25.87
N VAL C 124 0.38 11.08 25.76
CA VAL C 124 -1.02 11.32 25.43
C VAL C 124 -1.79 10.79 26.59
N VAL C 125 -2.83 11.53 26.99
CA VAL C 125 -3.67 11.17 28.12
C VAL C 125 -5.14 11.10 27.73
N VAL C 126 -5.89 10.26 28.43
CA VAL C 126 -7.34 10.10 28.19
C VAL C 126 -8.01 9.79 29.51
N PRO C 127 -9.31 10.09 29.63
CA PRO C 127 -10.02 9.80 30.87
C PRO C 127 -10.13 8.31 31.10
N TYR C 128 -10.06 7.88 32.35
CA TYR C 128 -10.22 6.46 32.64
C TYR C 128 -11.72 6.18 32.62
N GLU C 129 -12.12 5.16 31.88
CA GLU C 129 -13.53 4.80 31.84
C GLU C 129 -13.72 3.42 32.46
N PRO C 130 -14.79 3.24 33.23
CA PRO C 130 -15.08 1.96 33.88
C PRO C 130 -15.42 0.89 32.86
N PRO C 131 -15.26 -0.38 33.23
CA PRO C 131 -15.58 -1.43 32.26
C PRO C 131 -17.09 -1.41 32.00
N GLU C 132 -17.47 -1.75 30.78
CA GLU C 132 -18.88 -1.77 30.39
C GLU C 132 -19.57 -2.95 31.08
N VAL C 133 -20.76 -2.73 31.61
CA VAL C 133 -21.48 -3.80 32.29
C VAL C 133 -21.34 -5.15 31.60
N GLY C 134 -20.85 -6.14 32.33
CA GLY C 134 -20.66 -7.47 31.78
C GLY C 134 -19.22 -7.79 31.45
N SER C 135 -18.35 -6.77 31.49
CA SER C 135 -16.93 -6.96 31.18
C SER C 135 -16.07 -6.83 32.43
N ASP C 136 -14.82 -7.27 32.33
CA ASP C 136 -13.91 -7.21 33.47
C ASP C 136 -12.76 -6.21 33.28
N TYR C 137 -12.73 -5.56 32.12
CA TYR C 137 -11.65 -4.61 31.83
C TYR C 137 -12.06 -3.55 30.81
N THR C 138 -11.32 -2.45 30.79
CA THR C 138 -11.56 -1.36 29.86
C THR C 138 -10.43 -1.49 28.85
N THR C 139 -10.62 -0.97 27.64
CA THR C 139 -9.55 -1.07 26.67
C THR C 139 -9.25 0.23 25.90
N ILE C 140 -7.95 0.51 25.71
CA ILE C 140 -7.51 1.67 24.95
C ILE C 140 -6.89 1.20 23.61
N TYR C 141 -7.05 2.00 22.57
CA TYR C 141 -6.53 1.65 21.25
C TYR C 141 -5.44 2.64 20.82
N PHE C 142 -4.19 2.18 20.85
CA PHE C 142 -3.07 3.02 20.48
C PHE C 142 -2.62 2.83 19.04
N LYS C 143 -1.71 3.70 18.60
CA LYS C 143 -1.10 3.65 17.27
C LYS C 143 0.31 4.18 17.42
N PHE C 144 1.27 3.48 16.82
CA PHE C 144 2.67 3.90 16.83
C PHE C 144 3.07 4.35 15.42
N MET C 145 3.26 5.66 15.29
CA MET C 145 3.58 6.32 14.02
C MET C 145 5.01 6.28 13.48
N CYS C 146 5.78 5.26 13.84
CA CYS C 146 7.16 5.12 13.36
C CYS C 146 7.63 3.68 13.52
N ASN C 147 8.64 3.29 12.74
CA ASN C 147 9.20 1.95 12.82
C ASN C 147 10.33 2.03 13.83
N SER C 148 10.55 0.96 14.58
CA SER C 148 11.63 0.99 15.53
C SER C 148 12.94 1.34 14.83
N SER C 149 12.98 1.14 13.51
CA SER C 149 14.21 1.37 12.75
C SER C 149 14.31 2.65 11.95
N CYS C 150 13.33 3.54 12.08
CA CYS C 150 13.40 4.80 11.32
C CYS C 150 14.68 5.56 11.66
N MET C 151 15.47 5.90 10.64
CA MET C 151 16.70 6.65 10.86
C MET C 151 16.33 8.06 11.26
N GLY C 152 17.12 8.66 12.15
CA GLY C 152 16.84 10.00 12.59
C GLY C 152 15.72 9.98 13.62
N GLY C 153 15.22 8.78 13.88
CA GLY C 153 14.16 8.58 14.86
C GLY C 153 14.62 7.59 15.92
N MET C 154 13.89 6.51 16.09
CA MET C 154 14.27 5.51 17.08
C MET C 154 15.57 4.81 16.67
N ASN C 155 15.85 4.81 15.37
CA ASN C 155 17.08 4.23 14.82
C ASN C 155 17.43 2.84 15.32
N ARG C 156 16.54 1.89 15.10
CA ARG C 156 16.76 0.51 15.54
C ARG C 156 16.93 0.35 17.06
N ARG C 157 16.52 1.37 17.80
CA ARG C 157 16.59 1.30 19.26
C ARG C 157 15.26 0.86 19.89
N PRO C 158 15.31 -0.15 20.77
CA PRO C 158 14.15 -0.72 21.46
C PRO C 158 13.48 0.27 22.40
N ILE C 159 12.15 0.33 22.39
CA ILE C 159 11.47 1.24 23.30
C ILE C 159 10.57 0.52 24.31
N LEU C 160 10.27 1.24 25.38
CA LEU C 160 9.42 0.73 26.44
C LEU C 160 8.21 1.69 26.57
N VAL C 161 7.00 1.16 26.48
CA VAL C 161 5.83 2.00 26.63
C VAL C 161 5.38 1.90 28.10
N ILE C 162 5.16 3.05 28.72
CA ILE C 162 4.75 3.08 30.12
C ILE C 162 3.33 3.63 30.25
N ILE C 163 2.45 2.85 30.88
CA ILE C 163 1.08 3.26 31.10
C ILE C 163 0.89 3.59 32.58
N THR C 164 0.56 4.85 32.90
CA THR C 164 0.37 5.24 34.29
C THR C 164 -1.07 5.64 34.53
N LEU C 165 -1.55 5.36 35.74
CA LEU C 165 -2.91 5.70 36.11
C LEU C 165 -2.78 6.83 37.09
N GLU C 166 -3.18 8.04 36.68
CA GLU C 166 -3.08 9.18 37.57
C GLU C 166 -4.41 9.78 38.00
N ASP C 167 -4.40 10.48 39.13
CA ASP C 167 -5.62 11.08 39.66
C ASP C 167 -5.83 12.45 39.07
N SER C 168 -6.97 13.05 39.37
CA SER C 168 -7.32 14.37 38.87
C SER C 168 -6.22 15.44 39.04
N SER C 169 -5.26 15.19 39.94
CA SER C 169 -4.18 16.13 40.17
C SER C 169 -2.88 15.68 39.56
N GLY C 170 -2.87 14.53 38.90
CA GLY C 170 -1.66 14.05 38.28
C GLY C 170 -0.82 13.15 39.18
N ASN C 171 -1.35 12.79 40.33
CA ASN C 171 -0.64 11.94 41.26
C ASN C 171 -0.73 10.51 40.78
N LEU C 172 0.34 9.75 41.02
CA LEU C 172 0.44 8.36 40.63
C LEU C 172 -0.50 7.45 41.42
N LEU C 173 -1.27 6.64 40.69
CA LEU C 173 -2.19 5.69 41.31
C LEU C 173 -1.84 4.27 40.88
N GLY C 174 -1.18 4.15 39.74
CA GLY C 174 -0.79 2.85 39.22
C GLY C 174 0.16 2.96 38.04
N ARG C 175 0.81 1.85 37.69
CA ARG C 175 1.74 1.83 36.58
C ARG C 175 2.12 0.44 36.15
N ASP C 176 2.06 0.20 34.85
CA ASP C 176 2.43 -1.08 34.27
C ASP C 176 3.20 -0.69 33.02
N SER C 177 3.80 -1.65 32.33
CA SER C 177 4.55 -1.33 31.14
C SER C 177 4.78 -2.52 30.24
N PHE C 178 5.27 -2.26 29.03
CA PHE C 178 5.57 -3.33 28.08
C PHE C 178 6.46 -2.80 26.98
N GLU C 179 7.25 -3.69 26.39
CA GLU C 179 8.16 -3.32 25.31
C GLU C 179 7.44 -3.31 23.96
N VAL C 180 7.87 -2.44 23.06
CA VAL C 180 7.25 -2.36 21.75
C VAL C 180 8.24 -2.35 20.58
N ARG C 181 7.90 -3.07 19.53
CA ARG C 181 8.72 -3.12 18.34
C ARG C 181 7.76 -2.88 17.22
N VAL C 182 7.95 -1.78 16.52
CA VAL C 182 7.13 -1.48 15.37
C VAL C 182 8.00 -1.91 14.20
N CYS C 183 7.49 -2.84 13.40
CA CYS C 183 8.23 -3.35 12.24
C CYS C 183 7.30 -3.79 11.11
N ALA C 184 7.87 -4.29 10.03
CA ALA C 184 7.07 -4.72 8.88
C ALA C 184 6.55 -6.15 8.98
N CYS C 185 7.20 -6.98 9.78
CA CYS C 185 6.78 -8.36 9.91
C CYS C 185 6.74 -8.80 11.36
N PRO C 186 5.68 -8.40 12.10
CA PRO C 186 5.53 -8.75 13.51
C PRO C 186 5.68 -10.25 13.72
N GLY C 187 4.88 -11.01 12.98
CA GLY C 187 4.91 -12.46 13.10
C GLY C 187 6.32 -13.04 12.97
N ARG C 188 6.99 -12.65 11.90
CA ARG C 188 8.34 -13.13 11.69
C ARG C 188 9.24 -12.74 12.85
N ASP C 189 9.42 -11.43 13.03
CA ASP C 189 10.30 -10.91 14.07
C ASP C 189 10.02 -11.49 15.45
N ARG C 190 8.76 -11.81 15.72
CA ARG C 190 8.38 -12.41 17.01
C ARG C 190 8.91 -13.83 17.08
N ARG C 191 8.51 -14.64 16.11
CA ARG C 191 8.95 -16.03 16.03
C ARG C 191 10.45 -16.15 16.22
N THR C 192 11.20 -15.16 15.73
CA THR C 192 12.66 -15.17 15.83
C THR C 192 13.15 -14.90 17.24
N GLU C 193 12.55 -13.92 17.91
CA GLU C 193 12.98 -13.59 19.26
C GLU C 193 12.65 -14.67 20.25
N GLU C 194 11.42 -15.17 20.23
CA GLU C 194 11.03 -16.23 21.14
C GLU C 194 11.94 -17.44 20.87
N GLU C 195 12.38 -17.57 19.62
CA GLU C 195 13.26 -18.64 19.21
C GLU C 195 14.58 -18.58 20.01
N ASN C 196 15.35 -17.52 19.79
CA ASN C 196 16.63 -17.34 20.47
C ASN C 196 16.45 -17.41 21.98
N LEU C 197 15.28 -17.01 22.46
CA LEU C 197 14.98 -17.04 23.89
C LEU C 197 14.80 -18.48 24.35
N ARG C 198 14.12 -19.25 23.51
CA ARG C 198 13.80 -20.63 23.76
C ARG C 198 15.03 -21.56 23.78
N LYS C 199 16.15 -21.07 23.26
CA LYS C 199 17.36 -21.89 23.25
C LYS C 199 18.34 -21.46 24.33
N LYS C 200 17.85 -20.75 25.35
CA LYS C 200 18.71 -20.29 26.44
C LYS C 200 18.46 -21.08 27.70
N THR C 201 18.45 -20.41 28.86
CA THR C 201 18.23 -21.03 30.16
C THR C 201 17.21 -22.16 30.07
N MET C 202 17.68 -23.39 30.20
CA MET C 202 16.82 -24.56 30.11
C MET C 202 17.37 -25.71 30.94
N ASP C 203 17.45 -25.52 32.26
CA ASP C 203 17.95 -26.54 33.16
C ASP C 203 16.88 -26.93 34.20
N GLY C 204 16.99 -28.17 34.71
CA GLY C 204 16.03 -28.65 35.70
C GLY C 204 15.32 -29.91 35.26
N GLU C 205 14.24 -30.25 35.95
CA GLU C 205 13.46 -31.44 35.63
C GLU C 205 12.21 -31.03 34.86
N TYR C 206 12.18 -31.33 33.57
CA TYR C 206 11.05 -30.99 32.72
C TYR C 206 10.19 -32.17 32.29
N PHE C 207 8.91 -32.15 32.68
CA PHE C 207 7.98 -33.18 32.30
C PHE C 207 7.60 -32.96 30.85
N THR C 208 7.40 -34.03 30.10
CA THR C 208 7.08 -33.92 28.68
C THR C 208 5.60 -34.22 28.38
N LEU C 209 4.99 -33.41 27.51
CA LEU C 209 3.58 -33.59 27.14
C LEU C 209 3.39 -33.43 25.64
N GLN C 210 2.73 -34.41 25.02
CA GLN C 210 2.45 -34.36 23.58
C GLN C 210 1.09 -33.72 23.31
N ILE C 211 1.04 -32.85 22.30
CA ILE C 211 -0.19 -32.14 21.95
C ILE C 211 -0.45 -32.30 20.46
N ARG C 212 -1.72 -32.42 20.08
CA ARG C 212 -2.08 -32.56 18.67
C ARG C 212 -2.63 -31.26 18.09
N GLY C 213 -2.12 -30.90 16.91
CA GLY C 213 -2.54 -29.67 16.26
C GLY C 213 -1.59 -28.51 16.56
N ARG C 214 -1.20 -27.75 15.55
CA ARG C 214 -0.28 -26.63 15.74
C ARG C 214 -0.87 -25.47 16.54
N GLU C 215 -2.16 -25.18 16.34
CA GLU C 215 -2.79 -24.10 17.07
C GLU C 215 -2.79 -24.40 18.57
N ARG C 216 -3.31 -25.57 18.93
CA ARG C 216 -3.38 -25.99 20.33
C ARG C 216 -2.02 -25.89 21.00
N PHE C 217 -1.00 -26.44 20.35
CA PHE C 217 0.35 -26.41 20.88
C PHE C 217 0.80 -24.99 21.22
N GLU C 218 0.65 -24.09 20.27
CA GLU C 218 1.07 -22.71 20.48
C GLU C 218 0.29 -22.00 21.56
N GLN C 219 -0.91 -22.47 21.85
CA GLN C 219 -1.70 -21.87 22.92
C GLN C 219 -1.05 -22.34 24.20
N PHE C 220 -0.86 -23.65 24.31
CA PHE C 220 -0.22 -24.21 25.49
C PHE C 220 1.19 -23.62 25.65
N ARG C 221 1.95 -23.59 24.58
CA ARG C 221 3.29 -23.05 24.66
C ARG C 221 3.29 -21.60 25.17
N GLU C 222 2.22 -20.87 24.88
CA GLU C 222 2.10 -19.49 25.30
C GLU C 222 1.92 -19.40 26.81
N ARG C 223 0.86 -20.02 27.31
CA ARG C 223 0.58 -20.02 28.74
C ARG C 223 1.80 -20.46 29.52
N ASN C 224 2.44 -21.54 29.08
CA ASN C 224 3.61 -22.07 29.76
C ASN C 224 4.77 -21.09 29.75
N GLU C 225 5.00 -20.43 28.62
CA GLU C 225 6.10 -19.47 28.53
C GLU C 225 5.79 -18.24 29.37
N ALA C 226 4.50 -18.02 29.63
CA ALA C 226 4.08 -16.89 30.45
C ALA C 226 4.42 -17.19 31.92
N LEU C 227 4.10 -18.39 32.38
CA LEU C 227 4.38 -18.81 33.75
C LEU C 227 5.87 -18.85 34.00
N GLU C 228 6.65 -19.17 32.97
CA GLU C 228 8.09 -19.24 33.15
C GLU C 228 8.68 -17.84 33.29
N LEU C 229 7.85 -16.83 33.04
CA LEU C 229 8.32 -15.46 33.16
C LEU C 229 8.07 -15.02 34.61
N LYS C 230 6.95 -15.46 35.17
CA LYS C 230 6.59 -15.13 36.54
C LYS C 230 7.55 -15.83 37.50
N ASP C 231 7.91 -17.07 37.18
CA ASP C 231 8.83 -17.84 38.00
C ASP C 231 10.16 -17.10 38.10
N ALA C 232 10.71 -16.75 36.94
CA ALA C 232 11.98 -16.04 36.86
C ALA C 232 12.03 -14.82 37.79
N GLN C 233 11.28 -13.79 37.43
CA GLN C 233 11.23 -12.56 38.22
C GLN C 233 10.26 -12.68 39.39
N ALA C 234 10.74 -13.19 40.52
CA ALA C 234 9.90 -13.35 41.71
C ALA C 234 10.68 -13.97 42.86
N THR C 235 11.93 -14.31 42.59
CA THR C 235 12.80 -14.93 43.59
C THR C 235 12.78 -14.13 44.91
N SER D 2 5.69 17.03 -9.10
CA SER D 2 5.43 17.07 -10.57
C SER D 2 6.18 18.21 -11.25
N SER D 3 7.01 17.86 -12.23
CA SER D 3 7.80 18.82 -12.99
C SER D 3 8.16 18.23 -14.36
N SER D 4 8.26 19.06 -15.39
CA SER D 4 8.59 18.58 -16.73
C SER D 4 9.88 17.77 -16.66
N VAL D 5 9.94 16.70 -17.44
CA VAL D 5 11.11 15.83 -17.45
C VAL D 5 12.18 16.30 -18.43
N PRO D 6 13.42 16.48 -17.95
CA PRO D 6 14.54 16.92 -18.79
C PRO D 6 15.00 15.77 -19.67
N SER D 7 15.39 16.06 -20.90
CA SER D 7 15.82 15.02 -21.83
C SER D 7 17.02 14.25 -21.32
N GLN D 8 17.08 12.98 -21.68
CA GLN D 8 18.18 12.13 -21.27
C GLN D 8 18.81 11.45 -22.47
N LYS D 9 18.47 11.91 -23.68
CA LYS D 9 19.01 11.30 -24.90
C LYS D 9 20.45 11.71 -25.17
N THR D 10 21.31 10.73 -25.38
CA THR D 10 22.72 10.99 -25.65
C THR D 10 22.83 11.87 -26.87
N TYR D 11 23.73 12.84 -26.82
CA TYR D 11 23.94 13.80 -27.90
C TYR D 11 25.37 14.31 -27.88
N GLN D 12 26.24 13.73 -28.70
CA GLN D 12 27.65 14.13 -28.72
C GLN D 12 27.88 15.54 -29.18
N GLY D 13 26.94 16.09 -29.95
CA GLY D 13 27.07 17.45 -30.43
C GLY D 13 28.29 17.74 -31.28
N SER D 14 28.49 19.01 -31.60
CA SER D 14 29.60 19.46 -32.45
C SER D 14 30.97 19.17 -31.86
N TYR D 15 31.04 18.78 -30.60
CA TYR D 15 32.33 18.54 -29.96
C TYR D 15 32.62 17.08 -29.60
N GLY D 16 31.71 16.20 -29.99
CA GLY D 16 31.90 14.78 -29.69
C GLY D 16 32.00 14.57 -28.19
N PHE D 17 31.10 15.20 -27.46
CA PHE D 17 31.08 15.11 -26.01
C PHE D 17 30.62 13.74 -25.53
N ARG D 18 31.39 13.15 -24.61
CA ARG D 18 31.03 11.86 -24.04
C ARG D 18 31.80 11.60 -22.75
N LEU D 19 31.32 10.67 -21.94
CA LEU D 19 31.95 10.37 -20.66
C LEU D 19 32.70 9.05 -20.62
N GLY D 20 33.62 8.96 -19.66
CA GLY D 20 34.40 7.77 -19.46
C GLY D 20 34.54 7.54 -17.96
N PHE D 21 34.74 6.30 -17.55
CA PHE D 21 34.87 5.98 -16.14
C PHE D 21 36.04 5.04 -15.89
N LEU D 22 37.23 5.50 -16.24
CA LEU D 22 38.46 4.72 -16.06
C LEU D 22 39.37 5.45 -15.08
N HIS D 23 39.28 5.10 -13.80
CA HIS D 23 40.16 5.75 -12.82
C HIS D 23 40.76 4.75 -11.82
N SER D 24 42.01 5.02 -11.41
CA SER D 24 42.75 4.19 -10.47
C SER D 24 41.85 3.57 -9.40
N GLY D 25 42.02 2.26 -9.20
CA GLY D 25 41.22 1.55 -8.21
C GLY D 25 41.67 1.81 -6.77
N THR D 26 42.58 2.75 -6.59
CA THR D 26 43.08 3.08 -5.26
C THR D 26 42.94 4.58 -4.98
N ALA D 27 42.57 4.91 -3.75
CA ALA D 27 42.40 6.30 -3.33
C ALA D 27 41.32 7.04 -4.13
N LYS D 28 40.74 6.35 -5.10
CA LYS D 28 39.70 6.94 -5.96
C LYS D 28 38.56 5.94 -6.18
N PHE D 29 38.92 4.65 -6.25
CA PHE D 29 37.94 3.60 -6.46
C PHE D 29 37.86 2.62 -5.29
N GLY D 30 38.49 2.99 -4.18
CA GLY D 30 38.47 2.13 -3.00
C GLY D 30 37.04 1.91 -2.51
N THR D 31 36.14 2.80 -2.93
CA THR D 31 34.75 2.72 -2.54
C THR D 31 33.86 2.34 -3.72
N CYS D 32 33.84 3.19 -4.74
CA CYS D 32 33.01 2.97 -5.92
C CYS D 32 33.60 2.08 -7.01
N THR D 33 32.71 1.49 -7.79
CA THR D 33 33.04 0.61 -8.90
C THR D 33 32.06 0.83 -10.05
N TYR D 34 32.55 0.77 -11.28
CA TYR D 34 31.72 0.98 -12.46
C TYR D 34 31.46 -0.29 -13.29
N SER D 35 30.22 -0.45 -13.73
CA SER D 35 29.84 -1.61 -14.55
C SER D 35 29.60 -1.22 -16.01
N PRO D 36 30.52 -1.60 -16.91
CA PRO D 36 30.37 -1.28 -18.34
C PRO D 36 29.12 -1.93 -18.91
N ALA D 37 28.86 -3.15 -18.48
CA ALA D 37 27.71 -3.92 -18.96
C ALA D 37 26.37 -3.27 -18.62
N LEU D 38 26.35 -2.57 -17.49
CA LEU D 38 25.13 -1.92 -17.02
C LEU D 38 25.19 -0.40 -17.17
N ASN D 39 26.38 0.14 -17.41
CA ASN D 39 26.58 1.59 -17.51
C ASN D 39 26.00 2.16 -16.22
N LYS D 40 26.40 1.56 -15.10
CA LYS D 40 25.91 1.95 -13.79
C LYS D 40 27.06 2.04 -12.80
N MET D 41 27.11 3.14 -12.07
CA MET D 41 28.14 3.36 -11.06
C MET D 41 27.64 2.92 -9.70
N PHE D 42 28.49 2.23 -8.94
CA PHE D 42 28.12 1.79 -7.60
C PHE D 42 29.03 2.49 -6.60
N VAL D 43 28.48 3.42 -5.82
CA VAL D 43 29.28 4.17 -4.86
C VAL D 43 28.61 4.32 -3.50
N GLN D 44 29.42 4.52 -2.46
CA GLN D 44 28.90 4.72 -1.12
C GLN D 44 28.54 6.18 -0.88
N LEU D 45 27.70 6.40 0.11
CA LEU D 45 27.25 7.73 0.48
C LEU D 45 28.38 8.68 0.83
N ALA D 46 28.40 9.83 0.15
CA ALA D 46 29.40 10.87 0.36
C ALA D 46 30.80 10.56 -0.15
N LYS D 47 30.98 9.41 -0.79
CA LYS D 47 32.28 9.06 -1.33
C LYS D 47 32.48 9.63 -2.75
N THR D 48 33.67 10.15 -3.01
CA THR D 48 33.99 10.74 -4.30
C THR D 48 33.84 9.79 -5.49
N VAL D 49 33.31 10.32 -6.59
CA VAL D 49 33.10 9.55 -7.80
C VAL D 49 33.72 10.32 -8.96
N PRO D 50 34.84 9.84 -9.50
CA PRO D 50 35.51 10.51 -10.61
C PRO D 50 34.90 10.16 -11.97
N VAL D 51 34.56 11.18 -12.74
CA VAL D 51 33.98 11.00 -14.06
C VAL D 51 34.84 11.74 -15.07
N GLN D 52 35.17 11.10 -16.19
CA GLN D 52 36.00 11.74 -17.19
C GLN D 52 35.22 12.32 -18.38
N LEU D 53 35.49 13.60 -18.66
CA LEU D 53 34.85 14.30 -19.76
C LEU D 53 35.74 14.25 -21.00
N TYR D 54 35.19 13.72 -22.08
CA TYR D 54 35.93 13.62 -23.34
C TYR D 54 35.30 14.56 -24.35
N VAL D 55 36.14 15.18 -25.19
CA VAL D 55 35.65 16.09 -26.21
C VAL D 55 36.67 16.15 -27.35
N ASP D 56 36.20 16.10 -28.60
CA ASP D 56 37.08 16.13 -29.77
C ASP D 56 37.83 17.44 -29.95
N SER D 57 37.12 18.56 -29.93
CA SER D 57 37.73 19.88 -30.08
C SER D 57 37.39 20.74 -28.87
N THR D 58 38.17 21.79 -28.63
CA THR D 58 37.93 22.64 -27.46
C THR D 58 36.72 23.57 -27.61
N PRO D 59 35.84 23.56 -26.60
CA PRO D 59 34.60 24.37 -26.53
C PRO D 59 34.87 25.86 -26.41
N PRO D 60 33.91 26.68 -26.85
CA PRO D 60 34.06 28.13 -26.79
C PRO D 60 34.12 28.65 -25.35
N PRO D 61 34.67 29.85 -25.16
CA PRO D 61 34.78 30.48 -23.84
C PRO D 61 33.46 30.59 -23.12
N GLY D 62 33.42 30.18 -21.86
CA GLY D 62 32.19 30.27 -21.07
C GLY D 62 31.33 29.02 -21.01
N THR D 63 31.82 27.94 -21.58
CA THR D 63 31.10 26.68 -21.59
C THR D 63 31.10 26.13 -20.17
N ARG D 64 30.01 25.47 -19.79
CA ARG D 64 29.93 24.90 -18.46
C ARG D 64 29.52 23.44 -18.52
N VAL D 65 29.64 22.76 -17.38
CA VAL D 65 29.26 21.36 -17.28
C VAL D 65 28.26 21.25 -16.14
N ARG D 66 27.05 20.78 -16.47
CA ARG D 66 25.99 20.65 -15.48
C ARG D 66 25.67 19.21 -15.18
N ALA D 67 25.38 18.90 -13.93
CA ALA D 67 25.03 17.55 -13.51
C ALA D 67 23.64 17.57 -12.91
N MET D 68 22.78 16.67 -13.36
CA MET D 68 21.41 16.61 -12.84
C MET D 68 20.96 15.17 -12.66
N ALA D 69 20.06 14.94 -11.71
CA ALA D 69 19.55 13.60 -11.46
C ALA D 69 18.04 13.49 -11.68
N ILE D 70 17.61 12.41 -12.31
CA ILE D 70 16.20 12.15 -12.53
C ILE D 70 15.93 10.67 -12.27
N TYR D 71 14.67 10.32 -12.00
CA TYR D 71 14.34 8.93 -11.73
C TYR D 71 14.29 8.14 -13.03
N LYS D 72 14.91 6.95 -13.01
CA LYS D 72 14.98 6.07 -14.17
C LYS D 72 13.61 5.53 -14.60
N GLN D 73 12.83 5.01 -13.67
CA GLN D 73 11.52 4.45 -13.99
C GLN D 73 10.54 5.55 -14.41
N SER D 74 9.74 5.27 -15.45
CA SER D 74 8.79 6.24 -15.98
C SER D 74 7.74 6.76 -14.99
N GLN D 75 7.27 5.91 -14.08
CA GLN D 75 6.26 6.35 -13.11
C GLN D 75 6.78 7.40 -12.12
N HIS D 76 8.10 7.62 -12.11
CA HIS D 76 8.70 8.60 -11.22
C HIS D 76 9.42 9.75 -11.93
N MET D 77 9.56 9.64 -13.25
CA MET D 77 10.26 10.66 -14.03
C MET D 77 9.85 12.10 -13.76
N THR D 78 8.63 12.31 -13.31
CA THR D 78 8.18 13.69 -13.08
C THR D 78 8.42 14.19 -11.66
N GLU D 79 9.00 13.35 -10.81
CA GLU D 79 9.26 13.75 -9.44
C GLU D 79 10.71 14.20 -9.26
N VAL D 80 10.90 15.40 -8.75
CA VAL D 80 12.23 15.94 -8.52
C VAL D 80 13.05 15.04 -7.59
N VAL D 81 14.34 14.89 -7.86
CA VAL D 81 15.19 14.06 -7.02
C VAL D 81 15.85 14.92 -5.97
N ARG D 82 15.51 14.69 -4.70
CA ARG D 82 16.09 15.46 -3.59
C ARG D 82 16.50 14.59 -2.43
N ARG D 83 17.06 15.20 -1.40
CA ARG D 83 17.49 14.46 -0.22
C ARG D 83 16.33 14.19 0.72
N CYS D 84 16.48 13.13 1.52
CA CYS D 84 15.46 12.76 2.50
C CYS D 84 15.46 13.76 3.66
N PRO D 85 14.33 13.88 4.38
CA PRO D 85 14.23 14.81 5.50
C PRO D 85 15.37 14.67 6.50
N HIS D 86 15.75 13.43 6.78
CA HIS D 86 16.81 13.15 7.73
C HIS D 86 18.15 13.76 7.33
N HIS D 87 18.73 13.28 6.25
CA HIS D 87 20.02 13.76 5.77
C HIS D 87 20.02 15.25 5.39
N GLU D 88 18.87 15.76 4.98
CA GLU D 88 18.75 17.16 4.61
C GLU D 88 19.19 18.07 5.75
N ARG D 89 18.77 17.74 6.97
CA ARG D 89 19.15 18.53 8.13
C ARG D 89 20.44 17.97 8.71
N SER D 90 21.56 18.56 8.30
CA SER D 90 22.87 18.13 8.79
C SER D 90 23.95 19.12 8.40
N SER D 91 25.01 19.18 9.21
CA SER D 91 26.12 20.09 8.96
C SER D 91 27.00 19.62 7.81
N ASP D 92 26.63 18.48 7.22
CA ASP D 92 27.38 17.90 6.12
C ASP D 92 27.59 18.89 4.99
N SER D 93 26.80 19.96 5.00
CA SER D 93 26.89 21.00 3.97
C SER D 93 28.08 21.92 4.20
N ASP D 94 28.98 21.94 3.22
CA ASP D 94 30.19 22.76 3.29
C ASP D 94 29.87 24.24 3.07
N GLY D 95 28.60 24.59 3.24
CA GLY D 95 28.17 25.96 3.07
C GLY D 95 27.84 26.27 1.61
N LEU D 96 28.74 25.88 0.71
CA LEU D 96 28.55 26.11 -0.71
C LEU D 96 27.32 25.39 -1.25
N ALA D 97 27.24 24.09 -0.98
CA ALA D 97 26.14 23.28 -1.45
C ALA D 97 24.91 23.28 -0.52
N PRO D 98 23.74 23.64 -1.07
CA PRO D 98 22.49 23.68 -0.30
C PRO D 98 22.20 22.31 0.28
N PRO D 99 21.71 22.24 1.52
CA PRO D 99 21.40 20.95 2.16
C PRO D 99 20.40 20.04 1.45
N GLN D 100 19.62 20.57 0.51
CA GLN D 100 18.64 19.72 -0.18
C GLN D 100 19.13 19.07 -1.48
N HIS D 101 20.30 19.49 -1.97
CA HIS D 101 20.88 18.94 -3.19
C HIS D 101 21.48 17.56 -2.94
N LEU D 102 21.22 16.64 -3.86
CA LEU D 102 21.73 15.28 -3.77
C LEU D 102 23.13 15.21 -4.36
N ILE D 103 23.30 15.86 -5.50
CA ILE D 103 24.60 15.88 -6.19
C ILE D 103 25.47 17.04 -5.73
N ARG D 104 26.74 16.75 -5.50
CA ARG D 104 27.69 17.77 -5.09
C ARG D 104 28.95 17.61 -5.93
N VAL D 105 29.59 18.74 -6.23
CA VAL D 105 30.85 18.69 -6.98
C VAL D 105 31.93 18.89 -5.93
N GLU D 106 32.95 18.04 -5.94
CA GLU D 106 34.02 18.16 -4.96
C GLU D 106 35.34 18.61 -5.58
N GLY D 107 36.11 19.39 -4.82
CA GLY D 107 37.40 19.85 -5.27
C GLY D 107 37.33 21.03 -6.22
N ASN D 108 36.18 21.70 -6.25
CA ASN D 108 35.99 22.85 -7.12
C ASN D 108 35.13 23.95 -6.49
N LEU D 109 35.78 25.00 -6.03
CA LEU D 109 35.06 26.10 -5.39
C LEU D 109 34.36 27.01 -6.37
N ARG D 110 34.44 26.66 -7.64
CA ARG D 110 33.81 27.46 -8.69
C ARG D 110 32.43 26.89 -9.03
N ALA D 111 32.07 25.80 -8.37
CA ALA D 111 30.78 25.16 -8.58
C ALA D 111 29.65 26.12 -8.22
N GLU D 112 28.49 25.89 -8.81
CA GLU D 112 27.33 26.74 -8.59
C GLU D 112 26.07 25.87 -8.56
N TYR D 113 25.31 25.94 -7.48
CA TYR D 113 24.11 25.13 -7.32
C TYR D 113 22.83 25.88 -7.68
N LEU D 114 22.06 25.35 -8.61
CA LEU D 114 20.82 25.98 -9.04
C LEU D 114 19.60 25.22 -8.59
N ASP D 115 18.56 25.96 -8.22
CA ASP D 115 17.31 25.35 -7.79
C ASP D 115 16.22 25.94 -8.68
N ASP D 116 16.21 25.49 -9.92
CA ASP D 116 15.27 25.95 -10.95
C ASP D 116 13.95 26.52 -10.43
N PRO D 117 13.64 27.77 -10.81
CA PRO D 117 12.41 28.48 -10.41
C PRO D 117 11.13 28.03 -11.12
N ASN D 118 11.29 27.22 -12.17
CA ASN D 118 10.14 26.74 -12.90
C ASN D 118 9.95 25.22 -12.79
N THR D 119 11.02 24.47 -13.00
CA THR D 119 10.95 23.02 -12.92
C THR D 119 11.24 22.52 -11.52
N PHE D 120 11.74 23.40 -10.67
CA PHE D 120 12.06 23.05 -9.29
C PHE D 120 13.11 21.94 -9.22
N ARG D 121 13.82 21.72 -10.32
CA ARG D 121 14.84 20.70 -10.43
C ARG D 121 16.18 21.19 -9.85
N HIS D 122 16.90 20.29 -9.19
CA HIS D 122 18.20 20.63 -8.61
C HIS D 122 19.32 20.26 -9.59
N SER D 123 20.39 21.05 -9.59
CA SER D 123 21.53 20.81 -10.46
C SER D 123 22.74 21.58 -9.98
N VAL D 124 23.93 21.14 -10.36
CA VAL D 124 25.16 21.83 -9.99
C VAL D 124 25.97 22.09 -11.26
N VAL D 125 26.50 23.31 -11.40
CA VAL D 125 27.27 23.67 -12.59
C VAL D 125 28.68 24.17 -12.32
N VAL D 126 29.59 23.88 -13.25
CA VAL D 126 30.99 24.30 -13.14
C VAL D 126 31.54 24.69 -14.51
N PRO D 127 32.39 25.72 -14.57
CA PRO D 127 32.97 26.15 -15.85
C PRO D 127 33.77 25.03 -16.48
N TYR D 128 33.62 24.84 -17.78
CA TYR D 128 34.37 23.79 -18.47
C TYR D 128 35.87 24.12 -18.45
N GLU D 129 36.68 23.13 -18.09
CA GLU D 129 38.12 23.31 -18.07
C GLU D 129 38.80 22.27 -18.95
N PRO D 130 39.84 22.68 -19.69
CA PRO D 130 40.61 21.82 -20.61
C PRO D 130 41.30 20.68 -19.91
N PRO D 131 41.66 19.62 -20.66
CA PRO D 131 42.35 18.47 -20.08
C PRO D 131 43.75 18.86 -19.60
N GLU D 132 44.31 18.08 -18.68
CA GLU D 132 45.65 18.36 -18.19
C GLU D 132 46.63 17.93 -19.27
N VAL D 133 47.65 18.73 -19.51
CA VAL D 133 48.65 18.40 -20.52
C VAL D 133 49.10 16.94 -20.39
N GLY D 134 48.96 16.18 -21.47
CA GLY D 134 49.37 14.78 -21.45
C GLY D 134 48.19 13.85 -21.50
N SER D 135 47.03 14.35 -21.07
CA SER D 135 45.80 13.58 -21.06
C SER D 135 44.82 14.13 -22.08
N ASP D 136 43.86 13.31 -22.48
CA ASP D 136 42.86 13.75 -23.44
C ASP D 136 41.45 13.82 -22.83
N TYR D 137 41.40 13.90 -21.51
CA TYR D 137 40.12 13.97 -20.80
C TYR D 137 40.20 14.90 -19.59
N THR D 138 39.07 15.48 -19.22
CA THR D 138 38.99 16.34 -18.06
C THR D 138 38.30 15.55 -16.95
N THR D 139 38.77 15.68 -15.73
CA THR D 139 38.15 14.96 -14.63
C THR D 139 37.28 15.87 -13.78
N ILE D 140 36.15 15.32 -13.33
CA ILE D 140 35.24 16.05 -12.46
C ILE D 140 34.86 15.11 -11.31
N TYR D 141 34.93 15.61 -10.07
CA TYR D 141 34.62 14.78 -8.89
C TYR D 141 33.26 15.07 -8.28
N PHE D 142 32.44 14.03 -8.21
CA PHE D 142 31.10 14.15 -7.66
C PHE D 142 30.94 13.46 -6.31
N LYS D 143 29.90 13.84 -5.59
CA LYS D 143 29.56 13.24 -4.31
C LYS D 143 28.04 13.13 -4.21
N PHE D 144 27.56 11.95 -3.82
CA PHE D 144 26.12 11.75 -3.68
C PHE D 144 25.77 11.66 -2.20
N MET D 145 24.95 12.60 -1.75
CA MET D 145 24.57 12.72 -0.34
C MET D 145 23.36 11.95 0.16
N CYS D 146 23.03 10.83 -0.47
CA CYS D 146 21.90 10.03 -0.02
C CYS D 146 21.96 8.62 -0.61
N ASN D 147 21.56 7.63 0.19
CA ASN D 147 21.53 6.27 -0.29
C ASN D 147 20.35 6.14 -1.23
N SER D 148 20.43 5.25 -2.21
CA SER D 148 19.33 5.06 -3.13
C SER D 148 18.09 4.60 -2.36
N SER D 149 18.30 3.98 -1.20
CA SER D 149 17.22 3.46 -0.38
C SER D 149 16.58 4.46 0.57
N CYS D 150 17.28 5.53 0.89
CA CYS D 150 16.73 6.53 1.82
C CYS D 150 15.23 6.76 1.73
N MET D 151 14.51 6.49 2.81
CA MET D 151 13.06 6.74 2.81
C MET D 151 12.85 8.23 2.92
N GLY D 152 11.84 8.74 2.23
CA GLY D 152 11.60 10.17 2.26
C GLY D 152 12.39 10.81 1.12
N GLY D 153 13.45 10.12 0.69
CA GLY D 153 14.28 10.60 -0.39
C GLY D 153 14.05 9.82 -1.66
N MET D 154 15.11 9.28 -2.25
CA MET D 154 14.98 8.49 -3.47
C MET D 154 14.10 7.26 -3.22
N ASN D 155 14.11 6.78 -1.98
CA ASN D 155 13.27 5.66 -1.57
C ASN D 155 13.37 4.39 -2.42
N ARG D 156 14.58 3.86 -2.54
CA ARG D 156 14.84 2.64 -3.30
C ARG D 156 14.58 2.74 -4.79
N ARG D 157 14.39 3.97 -5.28
CA ARG D 157 14.15 4.19 -6.70
C ARG D 157 15.43 4.49 -7.46
N PRO D 158 15.68 3.76 -8.55
CA PRO D 158 16.88 3.96 -9.37
C PRO D 158 16.93 5.35 -10.00
N ILE D 159 18.11 5.97 -10.02
CA ILE D 159 18.22 7.29 -10.64
C ILE D 159 19.18 7.27 -11.80
N LEU D 160 19.16 8.35 -12.57
CA LEU D 160 20.03 8.49 -13.73
C LEU D 160 20.65 9.89 -13.70
N VAL D 161 21.98 9.98 -13.84
CA VAL D 161 22.64 11.28 -13.82
C VAL D 161 22.86 11.80 -15.24
N ILE D 162 22.37 13.00 -15.51
CA ILE D 162 22.51 13.60 -16.84
C ILE D 162 23.64 14.64 -16.84
N ILE D 163 24.70 14.41 -17.61
CA ILE D 163 25.76 15.39 -17.68
C ILE D 163 25.57 16.17 -18.99
N THR D 164 25.42 17.48 -18.91
CA THR D 164 25.23 18.31 -20.11
C THR D 164 26.33 19.34 -20.27
N LEU D 165 26.69 19.60 -21.53
CA LEU D 165 27.71 20.59 -21.86
C LEU D 165 26.92 21.75 -22.42
N GLU D 166 26.99 22.91 -21.77
CA GLU D 166 26.24 24.07 -22.25
C GLU D 166 27.07 25.33 -22.41
N ASP D 167 26.65 26.22 -23.30
CA ASP D 167 27.37 27.47 -23.49
C ASP D 167 27.05 28.44 -22.36
N SER D 168 27.63 29.63 -22.39
CA SER D 168 27.41 30.61 -21.34
C SER D 168 25.95 30.91 -21.10
N SER D 169 25.12 30.76 -22.14
CA SER D 169 23.68 31.04 -22.04
C SER D 169 22.83 29.86 -21.60
N GLY D 170 23.43 28.67 -21.55
CA GLY D 170 22.70 27.50 -21.12
C GLY D 170 22.24 26.60 -22.26
N ASN D 171 22.46 27.04 -23.49
CA ASN D 171 22.07 26.27 -24.65
C ASN D 171 22.84 24.95 -24.69
N LEU D 172 22.15 23.89 -25.08
CA LEU D 172 22.73 22.56 -25.13
C LEU D 172 23.81 22.43 -26.21
N LEU D 173 24.95 21.84 -25.82
CA LEU D 173 26.06 21.61 -26.74
C LEU D 173 26.37 20.11 -26.79
N GLY D 174 26.08 19.42 -25.70
CA GLY D 174 26.36 18.00 -25.62
C GLY D 174 25.67 17.41 -24.39
N ARG D 175 25.42 16.10 -24.43
CA ARG D 175 24.74 15.43 -23.34
C ARG D 175 25.02 13.94 -23.30
N ASP D 176 25.32 13.44 -22.10
CA ASP D 176 25.59 12.03 -21.88
C ASP D 176 24.96 11.69 -20.53
N SER D 177 25.03 10.42 -20.12
CA SER D 177 24.45 10.00 -18.86
C SER D 177 24.85 8.61 -18.40
N PHE D 178 24.56 8.32 -17.14
CA PHE D 178 24.88 7.01 -16.58
C PHE D 178 24.03 6.79 -15.35
N GLU D 179 23.69 5.53 -15.08
CA GLU D 179 22.86 5.21 -13.94
C GLU D 179 23.68 5.21 -12.68
N VAL D 180 23.04 5.45 -11.54
CA VAL D 180 23.74 5.47 -10.27
C VAL D 180 22.98 4.82 -9.11
N ARG D 181 23.70 4.04 -8.32
CA ARG D 181 23.11 3.40 -7.16
C ARG D 181 24.03 3.69 -5.99
N VAL D 182 23.56 4.52 -5.06
CA VAL D 182 24.35 4.83 -3.87
C VAL D 182 23.97 3.79 -2.83
N CYS D 183 24.94 2.96 -2.44
CA CYS D 183 24.68 1.92 -1.47
C CYS D 183 25.83 1.74 -0.48
N ALA D 184 25.66 0.78 0.44
CA ALA D 184 26.67 0.50 1.46
C ALA D 184 27.67 -0.56 1.03
N CYS D 185 27.32 -1.37 0.04
CA CYS D 185 28.22 -2.42 -0.44
C CYS D 185 28.25 -2.44 -1.96
N PRO D 186 28.96 -1.48 -2.57
CA PRO D 186 29.08 -1.37 -4.03
C PRO D 186 29.52 -2.69 -4.67
N GLY D 187 30.63 -3.23 -4.17
CA GLY D 187 31.16 -4.47 -4.70
C GLY D 187 30.11 -5.57 -4.74
N ARG D 188 29.50 -5.85 -3.58
CA ARG D 188 28.48 -6.88 -3.48
C ARG D 188 27.34 -6.67 -4.48
N ASP D 189 26.68 -5.52 -4.35
CA ASP D 189 25.55 -5.19 -5.20
C ASP D 189 25.88 -5.30 -6.67
N ARG D 190 27.08 -4.87 -7.06
CA ARG D 190 27.47 -4.94 -8.46
C ARG D 190 27.48 -6.40 -8.96
N ARG D 191 28.05 -7.29 -8.16
CA ARG D 191 28.10 -8.69 -8.53
C ARG D 191 26.70 -9.24 -8.74
N THR D 192 25.85 -9.05 -7.75
CA THR D 192 24.49 -9.53 -7.80
C THR D 192 23.81 -9.10 -9.10
N GLU D 193 23.84 -7.79 -9.36
CA GLU D 193 23.19 -7.27 -10.55
C GLU D 193 23.81 -7.77 -11.85
N GLU D 194 25.15 -7.86 -11.90
CA GLU D 194 25.80 -8.36 -13.11
C GLU D 194 25.50 -9.84 -13.26
N GLU D 195 25.27 -10.52 -12.14
CA GLU D 195 24.96 -11.93 -12.14
C GLU D 195 23.55 -12.16 -12.67
N ASN D 196 22.61 -11.31 -12.26
CA ASN D 196 21.23 -11.44 -12.72
C ASN D 196 21.18 -11.13 -14.21
N LEU D 197 21.99 -10.17 -14.65
CA LEU D 197 22.05 -9.79 -16.05
C LEU D 197 22.53 -10.96 -16.88
N ARG D 198 23.52 -11.67 -16.36
CA ARG D 198 24.10 -12.82 -17.04
C ARG D 198 23.04 -13.89 -17.33
N LYS D 199 22.29 -14.27 -16.30
CA LYS D 199 21.24 -15.26 -16.45
C LYS D 199 20.25 -14.85 -17.54
N LYS D 200 19.79 -13.60 -17.48
CA LYS D 200 18.83 -13.09 -18.46
C LYS D 200 19.37 -13.27 -19.86
N THR D 201 20.69 -13.37 -19.96
CA THR D 201 21.37 -13.55 -21.24
C THR D 201 21.62 -15.03 -21.51
N MET D 202 22.49 -15.62 -20.70
CA MET D 202 22.84 -17.03 -20.81
C MET D 202 21.69 -17.93 -20.35
N ASP D 203 20.57 -17.88 -21.07
CA ASP D 203 19.41 -18.69 -20.75
C ASP D 203 19.31 -19.84 -21.75
N GLY D 204 19.07 -21.05 -21.26
CA GLY D 204 18.98 -22.20 -22.14
C GLY D 204 17.61 -22.85 -22.28
N GLU D 205 16.56 -22.04 -22.28
CA GLU D 205 15.20 -22.56 -22.42
C GLU D 205 14.62 -22.14 -23.76
N TYR D 206 14.71 -23.02 -24.75
CA TYR D 206 14.20 -22.73 -26.09
C TYR D 206 12.69 -22.50 -26.09
N PHE D 207 12.17 -22.11 -27.24
CA PHE D 207 10.74 -21.87 -27.43
C PHE D 207 10.40 -22.07 -28.90
N THR D 208 9.18 -21.70 -29.28
CA THR D 208 8.74 -21.85 -30.67
C THR D 208 7.79 -20.73 -31.10
N LEU D 209 7.60 -20.60 -32.41
CA LEU D 209 6.72 -19.59 -32.98
C LEU D 209 6.35 -19.96 -34.43
N GLN D 210 5.06 -19.88 -34.73
CA GLN D 210 4.54 -20.21 -36.06
C GLN D 210 4.60 -19.00 -36.99
N ILE D 211 5.74 -18.78 -37.64
CA ILE D 211 5.90 -17.65 -38.55
C ILE D 211 5.03 -17.87 -39.78
N ARG D 212 4.72 -16.77 -40.47
CA ARG D 212 3.89 -16.82 -41.67
C ARG D 212 4.66 -16.42 -42.93
N GLY D 213 4.27 -17.01 -44.06
CA GLY D 213 4.93 -16.71 -45.32
C GLY D 213 6.25 -17.44 -45.50
N ARG D 214 6.95 -17.13 -46.58
CA ARG D 214 8.24 -17.76 -46.86
C ARG D 214 9.37 -16.78 -46.58
N GLU D 215 9.26 -15.57 -47.11
CA GLU D 215 10.28 -14.55 -46.91
C GLU D 215 10.40 -14.19 -45.43
N ARG D 216 9.34 -13.65 -44.85
CA ARG D 216 9.36 -13.29 -43.43
C ARG D 216 9.86 -14.47 -42.60
N PHE D 217 9.41 -15.67 -42.98
CA PHE D 217 9.81 -16.87 -42.27
C PHE D 217 11.33 -17.01 -42.32
N GLU D 218 11.89 -16.81 -43.52
CA GLU D 218 13.33 -16.91 -43.73
C GLU D 218 14.10 -15.82 -42.97
N GLN D 219 13.45 -14.68 -42.77
CA GLN D 219 14.06 -13.56 -42.06
C GLN D 219 14.51 -14.01 -40.67
N PHE D 220 13.55 -14.33 -39.82
CA PHE D 220 13.85 -14.78 -38.47
C PHE D 220 14.75 -16.00 -38.52
N ARG D 221 14.32 -17.01 -39.27
CA ARG D 221 15.06 -18.26 -39.42
C ARG D 221 16.53 -18.01 -39.74
N GLU D 222 16.81 -16.91 -40.44
CA GLU D 222 18.17 -16.58 -40.82
C GLU D 222 18.84 -15.73 -39.74
N ARG D 223 18.22 -14.59 -39.43
CA ARG D 223 18.74 -13.68 -38.42
C ARG D 223 18.91 -14.41 -37.09
N ASN D 224 18.26 -15.57 -36.97
CA ASN D 224 18.33 -16.37 -35.76
C ASN D 224 19.56 -17.28 -35.77
N GLU D 225 19.83 -17.90 -36.92
CA GLU D 225 20.99 -18.77 -37.04
C GLU D 225 22.28 -17.97 -36.92
N ALA D 226 22.16 -16.66 -37.16
CA ALA D 226 23.30 -15.75 -37.08
C ALA D 226 23.60 -15.46 -35.61
N LEU D 227 22.54 -15.24 -34.84
CA LEU D 227 22.66 -14.95 -33.40
C LEU D 227 22.97 -16.22 -32.63
N GLU D 228 22.23 -17.28 -32.93
CA GLU D 228 22.41 -18.57 -32.27
C GLU D 228 23.82 -19.12 -32.52
N LEU D 229 24.57 -18.41 -33.36
CA LEU D 229 25.95 -18.79 -33.69
C LEU D 229 26.90 -17.95 -32.84
N LYS D 230 26.56 -16.67 -32.71
CA LYS D 230 27.37 -15.74 -31.93
C LYS D 230 27.33 -16.14 -30.45
N ASP D 231 26.48 -17.11 -30.11
CA ASP D 231 26.38 -17.58 -28.74
C ASP D 231 27.75 -18.06 -28.24
N ALA D 232 28.56 -18.53 -29.17
CA ALA D 232 29.91 -19.00 -28.84
C ALA D 232 30.75 -17.87 -28.28
N GLN D 233 30.69 -17.68 -26.95
CA GLN D 233 31.45 -16.62 -26.29
C GLN D 233 32.33 -17.22 -25.18
N ALA D 234 31.76 -18.14 -24.40
CA ALA D 234 32.50 -18.79 -23.33
C ALA D 234 33.07 -20.11 -23.85
N THR D 235 33.03 -20.29 -25.17
CA THR D 235 33.53 -21.49 -25.82
C THR D 235 35.05 -21.49 -25.87
ZN ZN G . -22.30 -0.91 -0.95
ZN ZN H . -13.13 4.10 -9.39
ZN ZN I . 9.45 7.28 11.00
ZN ZN J . 19.16 10.14 2.97
#